data_3QJ5
#
_entry.id   3QJ5
#
_cell.length_a   78.858
_cell.length_b   78.858
_cell.length_c   310.078
_cell.angle_alpha   90.00
_cell.angle_beta   90.00
_cell.angle_gamma   90.00
#
_symmetry.space_group_name_H-M   'P 43 21 2'
#
loop_
_entity.id
_entity.type
_entity.pdbx_description
1 polymer 'Alcohol dehydrogenase class-3'
2 non-polymer 'ZINC ION'
3 non-polymer 'POTASSIUM ION'
4 non-polymer NICOTINAMIDE-ADENINE-DINUCLEOTIDE
5 non-polymer '3-{1-(4-carbamoyl-2-methylphenyl)-5-[4-(1H-imidazol-1-yl)phenyl]-1H-pyrrol-2-yl}propanoic acid'
6 non-polymer 'PENTAETHYLENE GLYCOL'
7 non-polymer PENTANE-1,5-DIAMINE
8 non-polymer 2-AMINO-2-HYDROXYMETHYL-PROPANE-1,3-DIOL
9 water water
#
_entity_poly.entity_id   1
_entity_poly.type   'polypeptide(L)'
_entity_poly.pdbx_seq_one_letter_code
;SANEVIKCKAAVAWEAGKPLSIEEIEVAPPKAHEVRIKIIATAVCHTDAYTLSGADPEGCFPVILGHEGAGIVESVGEGV
TKLKAGDTVIPLYIPQCGECKFCLNPKTNLCQKIRVTQGKGLMPDGTSRFTCKGKTILHYMGTSTFSEYTVVADISVAKI
DPLAPLDKVCLLGCGISTGYGAAVNTAKLEPGSVCAVFGLGGVGLAVIMGCKVAGASRIIGVDINKDKFARAKEFGATEC
INPQDFSKPIQEVLIEMTDGGVDYSFECIGNVKVMRAALEACHKGWGVSVVVGVAASGEEIATRPFQLVTGRTWKGTAFG
GWKSVESVPKLVSEYMSKKIKVDEFVTHNLSFDEINKAFELMHSGKSIRTVVKI
;
_entity_poly.pdbx_strand_id   A,B
#
loop_
_chem_comp.id
_chem_comp.type
_chem_comp.name
_chem_comp.formula
022 non-polymer '3-{1-(4-carbamoyl-2-methylphenyl)-5-[4-(1H-imidazol-1-yl)phenyl]-1H-pyrrol-2-yl}propanoic acid' 'C24 H22 N4 O3'
1PE non-polymer 'PENTAETHYLENE GLYCOL' 'C10 H22 O6'
K non-polymer 'POTASSIUM ION' 'K 1'
N2P non-polymer PENTANE-1,5-DIAMINE 'C5 H14 N2'
NAD non-polymer NICOTINAMIDE-ADENINE-DINUCLEOTIDE 'C21 H27 N7 O14 P2'
TRS non-polymer 2-AMINO-2-HYDROXYMETHYL-PROPANE-1,3-DIOL 'C4 H12 N O3 1'
ZN non-polymer 'ZINC ION' 'Zn 2'
#
# COMPACT_ATOMS: atom_id res chain seq x y z
N ASN A 3 8.36 -47.68 -11.04
CA ASN A 3 8.92 -46.70 -12.03
C ASN A 3 10.45 -46.75 -12.07
N GLU A 4 11.01 -46.44 -13.24
CA GLU A 4 12.44 -46.55 -13.46
C GLU A 4 13.08 -45.20 -13.77
N VAL A 5 14.42 -45.18 -13.81
CA VAL A 5 15.18 -44.02 -14.24
C VAL A 5 14.91 -43.75 -15.72
N ILE A 6 14.67 -42.48 -16.05
CA ILE A 6 14.49 -42.07 -17.44
C ILE A 6 15.77 -41.41 -17.94
N LYS A 7 16.24 -41.86 -19.09
CA LYS A 7 17.31 -41.19 -19.81
C LYS A 7 16.67 -40.30 -20.87
N CYS A 8 17.01 -39.02 -20.86
CA CYS A 8 16.39 -38.05 -21.76
C CYS A 8 17.25 -36.82 -22.02
N LYS A 9 16.75 -35.94 -22.89
CA LYS A 9 17.42 -34.70 -23.21
C LYS A 9 16.99 -33.61 -22.23
N ALA A 10 17.93 -32.73 -21.88
CA ALA A 10 17.64 -31.52 -21.10
C ALA A 10 18.62 -30.41 -21.47
N ALA A 11 18.20 -29.16 -21.26
CA ALA A 11 19.10 -28.03 -21.44
C ALA A 11 19.69 -27.69 -20.07
N VAL A 12 20.97 -28.02 -19.90
CA VAL A 12 21.67 -27.85 -18.63
C VAL A 12 22.45 -26.55 -18.63
N ALA A 13 22.31 -25.78 -17.56
CA ALA A 13 23.17 -24.63 -17.31
C ALA A 13 24.27 -25.07 -16.34
N TRP A 14 25.47 -25.33 -16.88
CA TRP A 14 26.60 -25.81 -16.09
C TRP A 14 27.21 -24.71 -15.23
N GLU A 15 27.19 -23.49 -15.74
CA GLU A 15 27.77 -22.33 -15.07
C GLU A 15 27.15 -21.05 -15.60
N ALA A 16 27.26 -19.98 -14.81
CA ALA A 16 26.73 -18.65 -15.16
C ALA A 16 27.38 -18.08 -16.41
N GLY A 17 26.60 -17.30 -17.17
CA GLY A 17 27.13 -16.53 -18.30
C GLY A 17 27.51 -17.32 -19.54
N LYS A 18 27.04 -18.55 -19.64
CA LYS A 18 27.32 -19.42 -20.79
C LYS A 18 26.00 -19.92 -21.38
N PRO A 19 25.99 -20.22 -22.71
CA PRO A 19 24.80 -20.82 -23.32
C PRO A 19 24.43 -22.15 -22.64
N LEU A 20 23.14 -22.48 -22.67
CA LEU A 20 22.65 -23.76 -22.16
C LEU A 20 23.22 -24.90 -22.98
N SER A 21 23.55 -26.01 -22.30
CA SER A 21 24.09 -27.20 -22.94
C SER A 21 23.03 -28.28 -23.06
N ILE A 22 22.74 -28.70 -24.29
CA ILE A 22 21.83 -29.80 -24.56
C ILE A 22 22.55 -31.09 -24.22
N GLU A 23 22.09 -31.75 -23.16
CA GLU A 23 22.78 -32.91 -22.59
C GLU A 23 21.85 -34.12 -22.52
N GLU A 24 22.46 -35.30 -22.43
CA GLU A 24 21.74 -36.49 -22.02
C GLU A 24 21.79 -36.58 -20.49
N ILE A 25 20.61 -36.58 -19.86
CA ILE A 25 20.53 -36.64 -18.40
C ILE A 25 19.76 -37.87 -17.93
N GLU A 26 19.84 -38.15 -16.63
CA GLU A 26 19.01 -39.17 -16.01
C GLU A 26 18.00 -38.51 -15.08
N VAL A 27 16.75 -38.95 -15.17
CA VAL A 27 15.70 -38.46 -14.29
C VAL A 27 15.20 -39.60 -13.41
N ALA A 28 15.41 -39.47 -12.10
CA ALA A 28 14.98 -40.48 -11.13
C ALA A 28 13.45 -40.59 -11.10
N PRO A 29 12.93 -41.80 -10.78
CA PRO A 29 11.49 -41.93 -10.58
C PRO A 29 11.02 -41.08 -9.40
N PRO A 30 9.72 -40.68 -9.39
CA PRO A 30 9.21 -39.86 -8.29
C PRO A 30 9.20 -40.61 -6.95
N LYS A 31 9.68 -39.94 -5.89
CA LYS A 31 9.56 -40.48 -4.53
C LYS A 31 8.16 -40.18 -3.99
N ALA A 32 7.93 -40.50 -2.71
CA ALA A 32 6.62 -40.23 -2.10
C ALA A 32 6.19 -38.79 -2.37
N HIS A 33 4.93 -38.61 -2.73
CA HIS A 33 4.33 -37.28 -2.98
C HIS A 33 5.09 -36.43 -3.99
N GLU A 34 5.63 -37.09 -5.02
CA GLU A 34 6.22 -36.43 -6.18
C GLU A 34 5.55 -36.90 -7.48
N VAL A 35 5.69 -36.10 -8.53
CA VAL A 35 5.05 -36.37 -9.82
C VAL A 35 6.09 -36.17 -10.94
N ARG A 36 6.25 -37.17 -11.80
CA ARG A 36 7.14 -37.03 -12.95
C ARG A 36 6.32 -36.66 -14.19
N ILE A 37 6.74 -35.60 -14.85
CA ILE A 37 5.95 -34.97 -15.92
C ILE A 37 6.73 -34.99 -17.23
N LYS A 38 6.07 -35.46 -18.28
CA LYS A 38 6.60 -35.29 -19.63
C LYS A 38 6.28 -33.88 -20.09
N ILE A 39 7.32 -33.05 -20.26
CA ILE A 39 7.13 -31.68 -20.71
C ILE A 39 6.94 -31.68 -22.23
N ILE A 40 5.84 -31.08 -22.66
CA ILE A 40 5.48 -31.02 -24.08
C ILE A 40 5.89 -29.68 -24.71
N ALA A 41 5.74 -28.60 -23.93
CA ALA A 41 6.16 -27.29 -24.38
C ALA A 41 6.61 -26.45 -23.20
N THR A 42 7.56 -25.56 -23.45
CA THR A 42 8.02 -24.64 -22.44
C THR A 42 8.37 -23.31 -23.10
N ALA A 43 8.30 -22.24 -22.31
CA ALA A 43 8.68 -20.94 -22.78
C ALA A 43 9.85 -20.44 -21.93
N VAL A 44 10.43 -19.33 -22.35
CA VAL A 44 11.57 -18.73 -21.68
C VAL A 44 11.17 -17.34 -21.18
N CYS A 45 11.47 -17.07 -19.93
CA CYS A 45 11.08 -15.82 -19.29
C CYS A 45 12.30 -15.10 -18.70
N HIS A 46 12.15 -13.80 -18.46
CA HIS A 46 13.21 -12.95 -17.91
C HIS A 46 14.02 -13.55 -16.76
N THR A 47 13.35 -14.19 -15.80
CA THR A 47 14.06 -14.69 -14.60
C THR A 47 14.95 -15.91 -14.89
N ASP A 48 14.58 -16.70 -15.90
CA ASP A 48 15.46 -17.77 -16.41
C ASP A 48 16.78 -17.16 -16.84
N ALA A 49 16.71 -16.06 -17.60
CA ALA A 49 17.89 -15.36 -18.09
C ALA A 49 18.68 -14.70 -16.97
N TYR A 50 17.97 -14.14 -15.99
CA TYR A 50 18.59 -13.48 -14.85
C TYR A 50 19.44 -14.46 -14.04
N THR A 51 18.86 -15.62 -13.71
CA THR A 51 19.59 -16.66 -13.00
C THR A 51 20.78 -17.17 -13.83
N LEU A 52 20.58 -17.31 -15.14
CA LEU A 52 21.63 -17.79 -16.04
C LEU A 52 22.81 -16.81 -16.11
N SER A 53 22.52 -15.52 -15.97
CA SER A 53 23.55 -14.47 -16.04
C SER A 53 24.55 -14.53 -14.88
N GLY A 54 24.09 -15.01 -13.73
CA GLY A 54 24.94 -15.08 -12.54
C GLY A 54 24.76 -13.90 -11.60
N ALA A 55 23.87 -12.99 -11.97
CA ALA A 55 23.54 -11.81 -11.14
C ALA A 55 22.68 -12.19 -9.94
N ASP A 56 22.02 -13.35 -10.04
CA ASP A 56 21.14 -13.88 -9.01
C ASP A 56 21.97 -14.32 -7.79
N PRO A 57 21.77 -13.67 -6.63
CA PRO A 57 22.55 -14.02 -5.43
C PRO A 57 22.24 -15.44 -4.92
N GLU A 58 21.03 -15.91 -5.17
CA GLU A 58 20.62 -17.24 -4.76
C GLU A 58 20.59 -18.25 -5.92
N GLY A 59 21.21 -17.89 -7.03
CA GLY A 59 21.36 -18.76 -8.19
C GLY A 59 22.54 -19.70 -8.05
N CYS A 60 22.28 -21.00 -8.17
CA CYS A 60 23.32 -22.01 -8.04
C CYS A 60 23.39 -22.90 -9.28
N PHE A 61 24.57 -23.46 -9.52
CA PHE A 61 24.85 -24.24 -10.73
C PHE A 61 25.54 -25.56 -10.36
N PRO A 62 25.42 -26.60 -11.21
CA PRO A 62 24.63 -26.69 -12.45
C PRO A 62 23.13 -26.83 -12.15
N VAL A 63 22.31 -26.36 -13.08
CA VAL A 63 20.87 -26.29 -12.86
C VAL A 63 20.10 -26.47 -14.17
N ILE A 64 18.90 -27.05 -14.05
CA ILE A 64 17.97 -27.11 -15.17
C ILE A 64 16.91 -26.03 -14.92
N LEU A 65 16.98 -24.98 -15.71
CA LEU A 65 16.08 -23.83 -15.56
C LEU A 65 14.72 -24.13 -16.20
N GLY A 66 13.90 -23.09 -16.37
CA GLY A 66 12.57 -23.24 -16.96
C GLY A 66 11.45 -23.39 -15.93
N HIS A 67 10.42 -22.56 -16.08
CA HIS A 67 9.30 -22.53 -15.13
C HIS A 67 7.95 -22.19 -15.77
N GLU A 68 7.95 -22.09 -17.10
CA GLU A 68 6.74 -21.88 -17.89
C GLU A 68 6.52 -23.08 -18.78
N GLY A 69 5.79 -24.07 -18.30
CA GLY A 69 5.63 -25.31 -19.05
C GLY A 69 4.27 -25.94 -18.96
N ALA A 70 4.05 -26.93 -19.82
CA ALA A 70 2.84 -27.75 -19.81
C ALA A 70 3.20 -29.13 -20.32
N GLY A 71 2.49 -30.14 -19.83
CA GLY A 71 2.81 -31.51 -20.23
C GLY A 71 1.83 -32.52 -19.71
N ILE A 72 2.32 -33.76 -19.55
CA ILE A 72 1.49 -34.90 -19.20
C ILE A 72 2.19 -35.68 -18.09
N VAL A 73 1.42 -36.11 -17.09
CA VAL A 73 1.95 -36.92 -16.01
C VAL A 73 2.43 -38.26 -16.57
N GLU A 74 3.72 -38.53 -16.40
CA GLU A 74 4.33 -39.78 -16.82
C GLU A 74 4.12 -40.84 -15.73
N SER A 75 4.35 -40.46 -14.47
CA SER A 75 4.08 -41.35 -13.33
C SER A 75 4.02 -40.58 -12.01
N VAL A 76 3.45 -41.21 -10.99
CA VAL A 76 3.34 -40.57 -9.67
C VAL A 76 4.04 -41.41 -8.60
N GLY A 77 4.45 -40.73 -7.52
CA GLY A 77 5.11 -41.41 -6.42
C GLY A 77 4.09 -41.98 -5.45
N GLU A 78 4.60 -42.65 -4.42
CA GLU A 78 3.78 -43.25 -3.36
C GLU A 78 2.95 -42.19 -2.62
N GLY A 79 1.68 -42.50 -2.37
CA GLY A 79 0.78 -41.58 -1.68
C GLY A 79 0.03 -40.61 -2.56
N VAL A 80 0.36 -40.57 -3.85
CA VAL A 80 -0.32 -39.68 -4.80
C VAL A 80 -1.58 -40.35 -5.36
N THR A 81 -2.75 -39.79 -5.03
CA THR A 81 -4.03 -40.35 -5.47
C THR A 81 -4.83 -39.43 -6.42
N LYS A 82 -4.63 -38.12 -6.28
CA LYS A 82 -5.37 -37.14 -7.06
C LYS A 82 -4.89 -36.99 -8.51
N LEU A 83 -3.65 -37.41 -8.76
CA LEU A 83 -3.07 -37.37 -10.09
C LEU A 83 -2.64 -38.75 -10.54
N LYS A 84 -2.62 -38.97 -11.84
CA LYS A 84 -2.28 -40.27 -12.42
C LYS A 84 -1.65 -40.10 -13.79
N ALA A 85 -0.89 -41.12 -14.21
CA ALA A 85 -0.30 -41.14 -15.54
C ALA A 85 -1.37 -40.78 -16.58
N GLY A 86 -1.03 -39.82 -17.44
CA GLY A 86 -1.94 -39.39 -18.49
C GLY A 86 -2.61 -38.05 -18.26
N ASP A 87 -2.66 -37.61 -17.00
CA ASP A 87 -3.27 -36.32 -16.65
C ASP A 87 -2.55 -35.17 -17.34
N THR A 88 -3.33 -34.21 -17.84
CA THR A 88 -2.78 -33.02 -18.49
C THR A 88 -2.50 -31.95 -17.44
N VAL A 89 -1.28 -31.42 -17.42
CA VAL A 89 -0.84 -30.59 -16.29
C VAL A 89 0.03 -29.38 -16.64
N ILE A 90 0.03 -28.40 -15.72
CA ILE A 90 0.98 -27.30 -15.73
C ILE A 90 1.68 -27.34 -14.37
N PRO A 91 3.03 -27.40 -14.37
CA PRO A 91 3.80 -27.34 -13.12
C PRO A 91 3.85 -25.91 -12.57
N LEU A 92 3.95 -25.81 -11.24
CA LEU A 92 3.73 -24.54 -10.55
C LEU A 92 4.92 -24.14 -9.69
N TYR A 93 5.42 -22.93 -9.87
CA TYR A 93 6.51 -22.44 -9.03
C TYR A 93 5.99 -21.86 -7.71
N ILE A 94 4.69 -21.58 -7.67
CA ILE A 94 3.98 -21.32 -6.42
C ILE A 94 3.05 -22.50 -6.21
N PRO A 95 3.31 -23.34 -5.19
CA PRO A 95 2.47 -24.51 -4.94
C PRO A 95 1.18 -24.17 -4.18
N GLN A 96 0.35 -25.18 -3.94
CA GLN A 96 -0.80 -25.03 -3.05
C GLN A 96 -1.01 -26.34 -2.28
N CYS A 97 -0.41 -26.43 -1.09
CA CYS A 97 -0.57 -27.60 -0.21
C CYS A 97 -2.00 -27.68 0.36
N GLY A 98 -2.67 -26.54 0.45
CA GLY A 98 -4.03 -26.49 0.95
C GLY A 98 -4.19 -26.63 2.46
N GLU A 99 -3.07 -26.68 3.18
CA GLU A 99 -3.08 -26.99 4.62
C GLU A 99 -2.35 -25.98 5.51
N CYS A 100 -1.41 -25.23 4.92
CA CYS A 100 -0.62 -24.29 5.72
C CYS A 100 -1.41 -22.99 5.97
N LYS A 101 -0.91 -22.14 6.88
CA LYS A 101 -1.61 -20.90 7.23
C LYS A 101 -1.81 -19.97 6.03
N PHE A 102 -0.89 -20.04 5.08
CA PHE A 102 -0.98 -19.25 3.85
C PHE A 102 -2.07 -19.79 2.92
N CYS A 103 -2.09 -21.10 2.68
CA CYS A 103 -3.14 -21.70 1.83
C CYS A 103 -4.53 -21.52 2.43
N LEU A 104 -4.61 -21.53 3.76
CA LEU A 104 -5.88 -21.40 4.44
C LEU A 104 -6.39 -19.95 4.49
N ASN A 105 -5.51 -18.99 4.19
CA ASN A 105 -5.86 -17.58 4.21
C ASN A 105 -6.26 -17.09 2.82
N PRO A 106 -7.50 -16.58 2.66
CA PRO A 106 -7.99 -16.15 1.35
C PRO A 106 -7.25 -14.95 0.78
N LYS A 107 -6.43 -14.28 1.60
CA LYS A 107 -5.75 -13.06 1.20
C LYS A 107 -4.40 -13.28 0.52
N THR A 108 -3.94 -14.53 0.47
CA THR A 108 -2.61 -14.83 -0.07
C THR A 108 -2.58 -16.15 -0.85
N ASN A 109 -1.54 -16.30 -1.67
CA ASN A 109 -1.33 -17.54 -2.42
C ASN A 109 0.05 -18.14 -2.13
N LEU A 110 0.74 -17.56 -1.15
CA LEU A 110 2.14 -17.89 -0.91
C LEU A 110 2.32 -19.11 -0.01
N CYS A 111 1.89 -20.28 -0.49
CA CYS A 111 2.11 -21.56 0.19
C CYS A 111 3.57 -21.71 0.63
N GLN A 112 3.77 -22.05 1.90
CA GLN A 112 5.13 -22.11 2.48
C GLN A 112 5.67 -23.51 2.67
N LYS A 113 4.88 -24.53 2.31
CA LYS A 113 5.23 -25.91 2.65
C LYS A 113 6.60 -26.40 2.16
N ILE A 114 7.00 -25.97 0.97
CA ILE A 114 8.22 -26.51 0.34
C ILE A 114 9.23 -25.45 -0.10
N ARG A 115 9.00 -24.21 0.33
CA ARG A 115 9.78 -23.06 -0.12
C ARG A 115 11.30 -23.14 0.14
N VAL A 116 11.68 -23.70 1.29
CA VAL A 116 13.09 -23.77 1.67
C VAL A 116 13.86 -24.71 0.75
N THR A 117 13.34 -25.93 0.55
CA THR A 117 13.97 -26.87 -0.36
C THR A 117 13.94 -26.35 -1.80
N GLN A 118 12.82 -25.73 -2.19
CA GLN A 118 12.66 -25.21 -3.56
C GLN A 118 13.69 -24.12 -3.87
N GLY A 119 13.89 -23.20 -2.93
CA GLY A 119 14.89 -22.15 -3.09
C GLY A 119 16.30 -22.68 -3.29
N LYS A 120 16.57 -23.87 -2.76
CA LYS A 120 17.88 -24.51 -2.86
C LYS A 120 17.98 -25.43 -4.08
N GLY A 121 16.93 -25.47 -4.89
CA GLY A 121 16.91 -26.30 -6.10
C GLY A 121 16.75 -27.77 -5.79
N LEU A 122 15.94 -28.07 -4.78
CA LEU A 122 15.79 -29.43 -4.27
C LEU A 122 14.33 -29.83 -4.13
N MET A 123 14.06 -31.13 -4.26
CA MET A 123 12.76 -31.68 -3.92
C MET A 123 12.55 -31.58 -2.40
N PRO A 124 11.29 -31.71 -1.94
CA PRO A 124 10.97 -31.59 -0.50
C PRO A 124 11.80 -32.44 0.46
N ASP A 125 12.32 -33.58 -0.01
CA ASP A 125 13.15 -34.46 0.84
C ASP A 125 14.62 -34.03 0.90
N GLY A 126 14.92 -32.90 0.26
CA GLY A 126 16.26 -32.31 0.29
C GLY A 126 17.26 -32.87 -0.71
N THR A 127 16.77 -33.57 -1.73
CA THR A 127 17.62 -34.09 -2.82
C THR A 127 17.06 -33.70 -4.18
N SER A 128 17.89 -33.86 -5.21
CA SER A 128 17.52 -33.61 -6.60
C SER A 128 17.29 -34.93 -7.36
N ARG A 129 16.43 -34.88 -8.36
CA ARG A 129 16.14 -36.04 -9.22
C ARG A 129 16.99 -36.07 -10.50
N PHE A 130 17.84 -35.06 -10.68
CA PHE A 130 18.60 -34.91 -11.90
C PHE A 130 20.08 -35.26 -11.75
N THR A 131 20.58 -36.08 -12.67
CA THR A 131 22.02 -36.32 -12.79
C THR A 131 22.45 -36.22 -14.24
N CYS A 132 23.71 -35.83 -14.45
CA CYS A 132 24.29 -35.74 -15.79
C CYS A 132 25.81 -35.82 -15.71
N LYS A 133 26.39 -36.77 -16.44
CA LYS A 133 27.85 -36.97 -16.49
C LYS A 133 28.46 -37.14 -15.08
N GLY A 134 27.74 -37.83 -14.20
CA GLY A 134 28.21 -38.10 -12.85
C GLY A 134 27.95 -36.99 -11.83
N LYS A 135 27.35 -35.89 -12.29
CA LYS A 135 27.11 -34.72 -11.44
C LYS A 135 25.62 -34.57 -11.11
N THR A 136 25.32 -34.18 -9.87
CA THR A 136 23.95 -33.82 -9.49
C THR A 136 23.60 -32.46 -10.12
N ILE A 137 22.41 -32.37 -10.70
CA ILE A 137 21.95 -31.14 -11.33
C ILE A 137 20.75 -30.62 -10.56
N LEU A 138 20.78 -29.34 -10.19
CA LEU A 138 19.75 -28.76 -9.32
C LEU A 138 18.46 -28.48 -10.07
N HIS A 139 17.34 -28.51 -9.32
CA HIS A 139 16.03 -28.07 -9.82
C HIS A 139 15.98 -26.55 -9.81
N TYR A 140 14.97 -25.98 -10.48
CA TYR A 140 14.78 -24.53 -10.51
C TYR A 140 13.31 -24.19 -10.36
N MET A 141 13.03 -23.32 -9.39
CA MET A 141 11.68 -22.80 -9.13
C MET A 141 10.64 -23.90 -8.94
N GLY A 142 11.10 -25.08 -8.49
CA GLY A 142 10.24 -26.22 -8.27
C GLY A 142 9.71 -26.86 -9.55
N THR A 143 10.20 -26.41 -10.70
CA THR A 143 9.61 -26.82 -11.99
C THR A 143 10.58 -27.47 -12.99
N SER A 144 11.72 -26.83 -13.23
CA SER A 144 12.76 -27.32 -14.16
C SER A 144 12.18 -27.83 -15.49
N THR A 145 11.51 -26.95 -16.22
CA THR A 145 10.75 -27.34 -17.43
C THR A 145 11.62 -27.49 -18.69
N PHE A 146 12.90 -27.12 -18.59
CA PHE A 146 13.83 -27.25 -19.72
C PHE A 146 14.39 -28.68 -19.84
N SER A 147 13.49 -29.66 -19.80
CA SER A 147 13.85 -31.07 -19.83
C SER A 147 12.68 -31.85 -20.40
N GLU A 148 12.98 -32.93 -21.10
CA GLU A 148 11.93 -33.80 -21.65
C GLU A 148 11.07 -34.34 -20.52
N TYR A 149 11.69 -34.61 -19.38
CA TYR A 149 11.00 -35.06 -18.19
C TYR A 149 11.53 -34.31 -16.96
N THR A 150 10.60 -33.84 -16.13
CA THR A 150 10.94 -33.23 -14.85
C THR A 150 10.21 -33.94 -13.72
N VAL A 151 10.67 -33.71 -12.49
CA VAL A 151 10.00 -34.21 -11.30
C VAL A 151 9.67 -33.02 -10.41
N VAL A 152 8.43 -32.98 -9.92
CA VAL A 152 7.98 -31.88 -9.07
C VAL A 152 7.25 -32.43 -7.85
N ALA A 153 7.16 -31.63 -6.78
CA ALA A 153 6.33 -31.98 -5.64
C ALA A 153 4.87 -32.11 -6.09
N ASP A 154 4.13 -33.04 -5.49
CA ASP A 154 2.73 -33.25 -5.87
C ASP A 154 1.81 -32.02 -5.63
N ILE A 155 2.26 -31.10 -4.79
CA ILE A 155 1.55 -29.84 -4.54
C ILE A 155 1.91 -28.73 -5.55
N SER A 156 2.82 -29.02 -6.46
CA SER A 156 3.27 -28.07 -7.49
C SER A 156 2.63 -28.40 -8.85
N VAL A 157 1.42 -28.95 -8.84
CA VAL A 157 0.77 -29.44 -10.06
C VAL A 157 -0.66 -28.96 -10.22
N ALA A 158 -0.95 -28.29 -11.35
CA ALA A 158 -2.32 -27.99 -11.72
C ALA A 158 -2.79 -28.97 -12.78
N LYS A 159 -3.92 -29.63 -12.54
CA LYS A 159 -4.52 -30.55 -13.50
C LYS A 159 -5.54 -29.79 -14.33
N ILE A 160 -5.35 -29.82 -15.65
CA ILE A 160 -6.08 -28.94 -16.56
C ILE A 160 -6.87 -29.69 -17.64
N ASP A 161 -7.71 -28.93 -18.35
CA ASP A 161 -8.52 -29.43 -19.46
C ASP A 161 -7.67 -30.27 -20.42
N PRO A 162 -7.99 -31.57 -20.56
CA PRO A 162 -7.24 -32.45 -21.45
C PRO A 162 -7.27 -32.04 -22.94
N LEU A 163 -8.15 -31.10 -23.30
CA LEU A 163 -8.24 -30.60 -24.67
C LEU A 163 -7.37 -29.37 -24.92
N ALA A 164 -6.76 -28.84 -23.87
CA ALA A 164 -5.94 -27.63 -23.97
C ALA A 164 -4.71 -27.85 -24.84
N PRO A 165 -4.42 -26.89 -25.76
CA PRO A 165 -3.20 -26.94 -26.59
C PRO A 165 -1.97 -26.56 -25.76
N LEU A 166 -1.12 -27.55 -25.49
CA LEU A 166 -0.03 -27.39 -24.52
C LEU A 166 1.06 -26.44 -25.02
N ASP A 167 1.16 -26.30 -26.34
CA ASP A 167 2.06 -25.32 -26.96
C ASP A 167 1.57 -23.87 -26.84
N LYS A 168 0.39 -23.69 -26.21
CA LYS A 168 -0.11 -22.36 -25.87
C LYS A 168 -0.19 -22.17 -24.35
N VAL A 169 -0.89 -23.09 -23.66
CA VAL A 169 -1.21 -22.92 -22.24
C VAL A 169 -0.01 -23.02 -21.29
N CYS A 170 1.15 -23.42 -21.81
CA CYS A 170 2.39 -23.36 -21.04
C CYS A 170 2.66 -21.93 -20.55
N LEU A 171 2.16 -20.94 -21.29
CA LEU A 171 2.32 -19.53 -20.94
C LEU A 171 1.49 -19.11 -19.72
N LEU A 172 0.48 -19.92 -19.37
CA LEU A 172 -0.29 -19.72 -18.14
C LEU A 172 0.48 -20.17 -16.90
N GLY A 173 1.66 -20.76 -17.12
CA GLY A 173 2.56 -21.14 -16.04
C GLY A 173 3.25 -19.97 -15.37
N CYS A 174 3.25 -18.80 -16.01
CA CYS A 174 3.87 -17.61 -15.41
C CYS A 174 3.31 -16.25 -15.84
N GLY A 175 3.78 -15.74 -16.97
CA GLY A 175 3.57 -14.33 -17.34
C GLY A 175 2.12 -13.88 -17.46
N ILE A 176 1.33 -14.66 -18.21
CA ILE A 176 -0.06 -14.28 -18.48
C ILE A 176 -0.88 -14.30 -17.20
N SER A 177 -0.75 -15.40 -16.44
CA SER A 177 -1.48 -15.54 -15.19
C SER A 177 -1.13 -14.41 -14.22
N THR A 178 0.15 -14.04 -14.20
CA THR A 178 0.65 -13.01 -13.28
C THR A 178 0.05 -11.63 -13.60
N GLY A 179 0.19 -11.18 -14.84
CA GLY A 179 -0.36 -9.89 -15.29
C GLY A 179 -1.87 -9.83 -15.16
N TYR A 180 -2.54 -10.88 -15.59
CA TYR A 180 -4.00 -10.94 -15.53
C TYR A 180 -4.47 -10.85 -14.08
N GLY A 181 -3.87 -11.67 -13.21
CA GLY A 181 -4.18 -11.66 -11.79
C GLY A 181 -3.84 -10.37 -11.07
N ALA A 182 -2.75 -9.72 -11.46
CA ALA A 182 -2.38 -8.42 -10.89
C ALA A 182 -3.56 -7.44 -11.01
N ALA A 183 -4.21 -7.46 -12.17
CA ALA A 183 -5.36 -6.59 -12.45
C ALA A 183 -6.62 -7.04 -11.70
N VAL A 184 -7.01 -8.31 -11.86
CA VAL A 184 -8.29 -8.78 -11.34
C VAL A 184 -8.30 -9.32 -9.90
N ASN A 185 -7.14 -9.71 -9.38
CA ASN A 185 -7.05 -10.22 -7.99
C ASN A 185 -6.43 -9.24 -7.02
N THR A 186 -5.28 -8.70 -7.40
CA THR A 186 -4.53 -7.82 -6.53
C THR A 186 -5.15 -6.43 -6.52
N ALA A 187 -5.21 -5.79 -7.69
CA ALA A 187 -5.86 -4.49 -7.81
C ALA A 187 -7.37 -4.62 -7.58
N LYS A 188 -7.98 -5.67 -8.15
CA LYS A 188 -9.44 -5.80 -8.25
C LYS A 188 -10.06 -4.50 -8.76
N LEU A 189 -9.59 -4.03 -9.91
CA LEU A 189 -10.04 -2.74 -10.40
C LEU A 189 -11.51 -2.76 -10.81
N GLU A 190 -12.19 -1.63 -10.61
CA GLU A 190 -13.62 -1.49 -10.87
C GLU A 190 -13.85 -1.07 -12.34
N PRO A 191 -15.03 -1.38 -12.90
CA PRO A 191 -15.36 -0.87 -14.24
C PRO A 191 -15.19 0.66 -14.31
N GLY A 192 -14.64 1.15 -15.42
CA GLY A 192 -14.40 2.59 -15.61
C GLY A 192 -13.07 3.12 -15.08
N SER A 193 -12.32 2.27 -14.36
CA SER A 193 -11.02 2.66 -13.80
C SER A 193 -10.05 3.17 -14.85
N VAL A 194 -9.28 4.19 -14.48
CA VAL A 194 -8.20 4.72 -15.31
C VAL A 194 -6.90 4.05 -14.88
N CYS A 195 -6.20 3.43 -15.83
CA CYS A 195 -5.03 2.60 -15.54
C CYS A 195 -3.78 3.00 -16.31
N ALA A 196 -2.62 2.79 -15.70
CA ALA A 196 -1.33 2.92 -16.37
C ALA A 196 -0.52 1.63 -16.18
N VAL A 197 0.09 1.17 -17.26
CA VAL A 197 0.87 -0.07 -17.26
C VAL A 197 2.27 0.24 -17.74
N PHE A 198 3.24 0.08 -16.84
CA PHE A 198 4.65 0.37 -17.10
C PHE A 198 5.38 -0.91 -17.51
N GLY A 199 5.82 -0.96 -18.76
CA GLY A 199 6.43 -2.17 -19.30
C GLY A 199 5.39 -2.93 -20.08
N LEU A 200 5.66 -3.12 -21.37
CA LEU A 200 4.69 -3.75 -22.27
C LEU A 200 5.21 -5.06 -22.88
N GLY A 201 5.89 -5.85 -22.04
CA GLY A 201 6.20 -7.24 -22.36
C GLY A 201 4.97 -8.10 -22.08
N GLY A 202 5.15 -9.42 -22.04
CA GLY A 202 4.04 -10.35 -21.78
C GLY A 202 3.28 -10.05 -20.49
N VAL A 203 4.01 -9.67 -19.44
CA VAL A 203 3.38 -9.36 -18.16
C VAL A 203 2.48 -8.11 -18.31
N GLY A 204 3.04 -7.04 -18.87
CA GLY A 204 2.30 -5.82 -19.12
C GLY A 204 1.08 -6.01 -20.00
N LEU A 205 1.24 -6.82 -21.05
CA LEU A 205 0.11 -7.10 -21.96
C LEU A 205 -1.01 -7.83 -21.24
N ALA A 206 -0.62 -8.76 -20.37
CA ALA A 206 -1.59 -9.52 -19.58
C ALA A 206 -2.32 -8.63 -18.57
N VAL A 207 -1.61 -7.65 -18.00
CA VAL A 207 -2.23 -6.62 -17.15
C VAL A 207 -3.29 -5.85 -17.96
N ILE A 208 -2.91 -5.35 -19.14
CA ILE A 208 -3.84 -4.65 -20.04
C ILE A 208 -5.07 -5.53 -20.31
N MET A 209 -4.83 -6.79 -20.67
CA MET A 209 -5.89 -7.78 -20.85
C MET A 209 -6.82 -7.83 -19.64
N GLY A 210 -6.25 -7.95 -18.43
CA GLY A 210 -7.02 -7.93 -17.19
C GLY A 210 -7.81 -6.65 -16.99
N CYS A 211 -7.18 -5.51 -17.27
CA CYS A 211 -7.83 -4.21 -17.18
C CYS A 211 -9.07 -4.13 -18.08
N LYS A 212 -8.92 -4.64 -19.31
CA LYS A 212 -10.02 -4.66 -20.27
C LYS A 212 -11.15 -5.59 -19.81
N VAL A 213 -10.80 -6.80 -19.36
CA VAL A 213 -11.78 -7.73 -18.79
C VAL A 213 -12.58 -7.08 -17.65
N ALA A 214 -11.88 -6.30 -16.82
CA ALA A 214 -12.49 -5.63 -15.67
C ALA A 214 -13.30 -4.37 -16.04
N GLY A 215 -13.25 -3.97 -17.31
CA GLY A 215 -14.01 -2.81 -17.76
C GLY A 215 -13.36 -1.45 -17.54
N ALA A 216 -12.03 -1.42 -17.51
CA ALA A 216 -11.29 -0.14 -17.41
C ALA A 216 -11.66 0.79 -18.56
N SER A 217 -11.77 2.08 -18.25
CA SER A 217 -12.14 3.09 -19.24
C SER A 217 -10.96 3.56 -20.09
N ARG A 218 -9.82 3.71 -19.43
CA ARG A 218 -8.62 4.24 -20.04
C ARG A 218 -7.45 3.39 -19.58
N ILE A 219 -6.63 2.96 -20.53
CA ILE A 219 -5.48 2.10 -20.25
C ILE A 219 -4.28 2.65 -21.00
N ILE A 220 -3.41 3.32 -20.27
CA ILE A 220 -2.21 3.94 -20.82
C ILE A 220 -0.99 3.04 -20.67
N GLY A 221 -0.48 2.55 -21.80
CA GLY A 221 0.75 1.77 -21.83
C GLY A 221 1.97 2.67 -21.84
N VAL A 222 3.00 2.28 -21.09
CA VAL A 222 4.23 3.06 -20.98
C VAL A 222 5.40 2.13 -21.27
N ASP A 223 6.21 2.47 -22.27
CA ASP A 223 7.40 1.70 -22.59
C ASP A 223 8.42 2.58 -23.31
N ILE A 224 9.70 2.35 -23.02
CA ILE A 224 10.79 3.04 -23.72
C ILE A 224 11.04 2.46 -25.11
N ASN A 225 10.45 1.31 -25.40
CA ASN A 225 10.53 0.68 -26.71
C ASN A 225 9.20 0.83 -27.43
N LYS A 226 9.13 1.77 -28.37
CA LYS A 226 7.91 2.07 -29.12
C LYS A 226 7.40 0.91 -30.01
N ASP A 227 8.27 -0.06 -30.30
CA ASP A 227 7.88 -1.27 -31.04
C ASP A 227 6.86 -2.12 -30.26
N LYS A 228 6.76 -1.88 -28.96
CA LYS A 228 5.83 -2.62 -28.09
C LYS A 228 4.41 -2.07 -28.14
N PHE A 229 4.26 -0.87 -28.70
CA PHE A 229 2.99 -0.14 -28.66
C PHE A 229 1.87 -0.79 -29.47
N ALA A 230 2.19 -1.27 -30.67
CA ALA A 230 1.16 -1.82 -31.57
C ALA A 230 0.41 -2.98 -30.90
N ARG A 231 1.14 -3.90 -30.30
CA ARG A 231 0.53 -5.06 -29.67
C ARG A 231 -0.24 -4.67 -28.40
N ALA A 232 0.27 -3.69 -27.67
CA ALA A 232 -0.40 -3.17 -26.48
C ALA A 232 -1.80 -2.64 -26.80
N LYS A 233 -1.91 -1.92 -27.92
CA LYS A 233 -3.18 -1.40 -28.39
C LYS A 233 -4.14 -2.53 -28.79
N GLU A 234 -3.60 -3.56 -29.45
CA GLU A 234 -4.38 -4.75 -29.81
C GLU A 234 -4.98 -5.42 -28.57
N PHE A 235 -4.21 -5.42 -27.48
CA PHE A 235 -4.67 -5.97 -26.21
C PHE A 235 -5.64 -5.04 -25.48
N GLY A 236 -5.67 -3.76 -25.86
CA GLY A 236 -6.68 -2.83 -25.35
C GLY A 236 -6.19 -1.51 -24.76
N ALA A 237 -4.89 -1.25 -24.86
CA ALA A 237 -4.35 0.05 -24.44
C ALA A 237 -5.01 1.14 -25.29
N THR A 238 -5.52 2.17 -24.63
CA THR A 238 -6.22 3.26 -25.30
C THR A 238 -5.21 4.27 -25.86
N GLU A 239 -4.03 4.29 -25.26
CA GLU A 239 -2.89 5.02 -25.82
C GLU A 239 -1.59 4.53 -25.19
N CYS A 240 -0.49 4.84 -25.85
CA CYS A 240 0.85 4.45 -25.38
C CYS A 240 1.78 5.65 -25.41
N ILE A 241 2.62 5.73 -24.38
CA ILE A 241 3.59 6.82 -24.26
C ILE A 241 4.99 6.30 -23.96
N ASN A 242 5.99 7.02 -24.45
CA ASN A 242 7.38 6.70 -24.23
C ASN A 242 7.99 7.78 -23.34
N PRO A 243 8.47 7.41 -22.14
CA PRO A 243 9.06 8.39 -21.19
C PRO A 243 10.18 9.23 -21.82
N GLN A 244 10.85 8.66 -22.83
CA GLN A 244 11.96 9.32 -23.51
C GLN A 244 11.51 10.52 -24.35
N ASP A 245 10.23 10.54 -24.71
CA ASP A 245 9.65 11.62 -25.51
C ASP A 245 9.29 12.85 -24.69
N PHE A 246 9.46 12.78 -23.38
CA PHE A 246 9.10 13.88 -22.51
C PHE A 246 10.28 14.33 -21.66
N SER A 247 10.39 15.63 -21.43
CA SER A 247 11.44 16.17 -20.60
C SER A 247 11.10 16.06 -19.10
N LYS A 248 9.80 16.07 -18.79
CA LYS A 248 9.32 15.91 -17.41
C LYS A 248 9.33 14.44 -17.00
N PRO A 249 9.51 14.16 -15.69
CA PRO A 249 9.35 12.80 -15.18
C PRO A 249 8.00 12.21 -15.57
N ILE A 250 7.99 10.90 -15.84
CA ILE A 250 6.80 10.23 -16.39
C ILE A 250 5.55 10.36 -15.49
N GLN A 251 5.73 10.41 -14.17
CA GLN A 251 4.59 10.57 -13.27
C GLN A 251 3.88 11.93 -13.45
N GLU A 252 4.66 12.97 -13.75
CA GLU A 252 4.10 14.31 -14.01
C GLU A 252 3.30 14.35 -15.31
N VAL A 253 3.84 13.69 -16.34
CA VAL A 253 3.16 13.52 -17.62
C VAL A 253 1.80 12.82 -17.43
N LEU A 254 1.81 11.71 -16.69
CA LEU A 254 0.60 10.95 -16.42
C LEU A 254 -0.42 11.71 -15.57
N ILE A 255 0.06 12.45 -14.57
CA ILE A 255 -0.82 13.29 -13.75
C ILE A 255 -1.50 14.35 -14.62
N GLU A 256 -0.72 14.97 -15.51
CA GLU A 256 -1.22 15.97 -16.45
C GLU A 256 -2.30 15.38 -17.38
N MET A 257 -2.02 14.21 -17.94
CA MET A 257 -2.92 13.52 -18.88
C MET A 257 -4.25 13.11 -18.27
N THR A 258 -4.26 12.87 -16.95
CA THR A 258 -5.39 12.23 -16.30
C THR A 258 -6.07 13.10 -15.24
N ASP A 259 -5.76 14.39 -15.23
CA ASP A 259 -6.40 15.33 -14.30
C ASP A 259 -6.22 14.89 -12.83
N GLY A 260 -4.99 14.47 -12.49
CA GLY A 260 -4.67 14.12 -11.11
C GLY A 260 -3.86 12.85 -10.91
N GLY A 261 -3.86 11.96 -11.90
CA GLY A 261 -3.19 10.67 -11.81
C GLY A 261 -4.14 9.51 -12.07
N VAL A 262 -3.59 8.30 -12.23
CA VAL A 262 -4.39 7.11 -12.55
C VAL A 262 -5.04 6.48 -11.30
N ASP A 263 -6.12 5.72 -11.49
CA ASP A 263 -6.73 4.98 -10.38
C ASP A 263 -5.87 3.79 -10.00
N TYR A 264 -5.29 3.13 -11.00
CA TYR A 264 -4.41 1.97 -10.80
C TYR A 264 -3.21 2.04 -11.73
N SER A 265 -2.03 1.80 -11.17
CA SER A 265 -0.84 1.61 -11.99
C SER A 265 -0.17 0.27 -11.70
N PHE A 266 0.56 -0.23 -12.69
CA PHE A 266 1.20 -1.54 -12.60
C PHE A 266 2.64 -1.42 -13.10
N GLU A 267 3.60 -1.75 -12.24
CA GLU A 267 4.99 -1.78 -12.69
C GLU A 267 5.31 -3.20 -13.12
N CYS A 268 5.63 -3.35 -14.40
CA CYS A 268 5.87 -4.66 -15.00
C CYS A 268 7.25 -4.67 -15.66
N ILE A 269 8.24 -4.15 -14.94
CA ILE A 269 9.62 -4.02 -15.43
C ILE A 269 10.65 -4.59 -14.44
N GLY A 270 10.53 -4.20 -13.17
CA GLY A 270 11.52 -4.53 -12.14
C GLY A 270 12.56 -3.43 -11.97
N ASN A 271 12.15 -2.18 -12.19
CA ASN A 271 13.01 -1.01 -12.09
C ASN A 271 12.50 -0.15 -10.92
N VAL A 272 13.31 0.00 -9.87
CA VAL A 272 12.85 0.67 -8.64
C VAL A 272 12.51 2.14 -8.80
N LYS A 273 13.19 2.80 -9.73
CA LYS A 273 12.90 4.20 -10.06
C LYS A 273 11.54 4.33 -10.75
N VAL A 274 11.24 3.38 -11.65
CA VAL A 274 9.93 3.34 -12.30
C VAL A 274 8.82 2.91 -11.32
N MET A 275 9.15 2.06 -10.35
CA MET A 275 8.19 1.70 -9.30
C MET A 275 7.75 2.91 -8.51
N ARG A 276 8.70 3.77 -8.16
CA ARG A 276 8.40 5.03 -7.51
C ARG A 276 7.52 5.91 -8.41
N ALA A 277 7.89 5.99 -9.69
CA ALA A 277 7.12 6.77 -10.67
C ALA A 277 5.68 6.27 -10.78
N ALA A 278 5.50 4.95 -10.81
CA ALA A 278 4.17 4.35 -10.91
C ALA A 278 3.29 4.69 -9.71
N LEU A 279 3.88 4.74 -8.53
CA LEU A 279 3.14 5.12 -7.33
C LEU A 279 2.74 6.59 -7.40
N GLU A 280 3.71 7.44 -7.70
CA GLU A 280 3.48 8.88 -7.76
C GLU A 280 2.56 9.30 -8.92
N ALA A 281 2.41 8.42 -9.91
CA ALA A 281 1.50 8.65 -11.04
C ALA A 281 0.04 8.35 -10.67
N CYS A 282 -0.17 7.76 -9.50
CA CYS A 282 -1.53 7.45 -9.02
C CYS A 282 -2.22 8.69 -8.46
N HIS A 283 -3.54 8.72 -8.59
CA HIS A 283 -4.36 9.84 -8.13
C HIS A 283 -4.31 9.96 -6.60
N LYS A 284 -4.24 11.19 -6.12
CA LYS A 284 -4.44 11.47 -4.70
C LYS A 284 -5.77 10.87 -4.22
N GLY A 285 -5.83 10.50 -2.95
CA GLY A 285 -7.07 10.02 -2.35
C GLY A 285 -7.38 8.54 -2.49
N TRP A 286 -7.20 7.99 -3.70
CA TRP A 286 -7.60 6.60 -3.96
C TRP A 286 -6.65 5.79 -4.84
N GLY A 287 -5.58 6.41 -5.33
CA GLY A 287 -4.64 5.74 -6.24
C GLY A 287 -4.00 4.49 -5.65
N VAL A 288 -3.86 3.44 -6.46
CA VAL A 288 -3.25 2.17 -6.02
C VAL A 288 -2.20 1.74 -7.06
N SER A 289 -0.97 1.50 -6.60
CA SER A 289 0.07 0.98 -7.49
C SER A 289 0.45 -0.44 -7.12
N VAL A 290 0.46 -1.32 -8.12
CA VAL A 290 0.86 -2.71 -7.92
C VAL A 290 2.23 -3.00 -8.55
N VAL A 291 3.17 -3.39 -7.70
CA VAL A 291 4.49 -3.84 -8.16
C VAL A 291 4.39 -5.30 -8.63
N VAL A 292 4.62 -5.50 -9.93
CA VAL A 292 4.65 -6.85 -10.50
C VAL A 292 6.12 -7.22 -10.83
N GLY A 293 6.88 -6.26 -11.34
CA GLY A 293 8.29 -6.47 -11.68
C GLY A 293 9.11 -6.90 -10.48
N VAL A 294 10.06 -7.80 -10.72
CA VAL A 294 10.97 -8.25 -9.65
C VAL A 294 12.31 -7.54 -9.80
N ALA A 295 12.60 -6.63 -8.87
CA ALA A 295 13.84 -5.86 -8.90
C ALA A 295 15.03 -6.73 -8.51
N ALA A 296 16.21 -6.30 -8.91
CA ALA A 296 17.46 -6.95 -8.53
C ALA A 296 17.63 -6.83 -7.02
N SER A 297 18.23 -7.84 -6.39
CA SER A 297 18.38 -7.86 -4.93
C SER A 297 19.16 -6.65 -4.42
N GLY A 298 18.78 -6.19 -3.23
CA GLY A 298 19.45 -5.05 -2.60
C GLY A 298 18.89 -3.69 -2.97
N GLU A 299 18.28 -3.58 -4.15
CA GLU A 299 17.72 -2.31 -4.60
C GLU A 299 16.48 -1.95 -3.79
N GLU A 300 16.33 -0.67 -3.51
CA GLU A 300 15.21 -0.19 -2.69
C GLU A 300 14.27 0.70 -3.48
N ILE A 301 12.99 0.60 -3.15
CA ILE A 301 11.98 1.58 -3.59
C ILE A 301 11.87 2.67 -2.53
N ALA A 302 11.59 3.89 -2.98
CA ALA A 302 11.46 5.04 -2.10
C ALA A 302 10.35 5.98 -2.56
N THR A 303 9.81 6.74 -1.61
CA THR A 303 8.91 7.86 -1.90
C THR A 303 8.81 8.70 -0.63
N ARG A 304 8.15 9.85 -0.73
CA ARG A 304 7.86 10.64 0.46
C ARG A 304 6.55 10.10 1.06
N PRO A 305 6.52 9.89 2.40
CA PRO A 305 5.34 9.28 3.02
C PRO A 305 4.05 10.08 2.82
N PHE A 306 4.19 11.37 2.50
CA PHE A 306 3.07 12.23 2.09
C PHE A 306 2.21 11.59 1.00
N GLN A 307 2.84 10.82 0.11
CA GLN A 307 2.14 10.13 -0.99
C GLN A 307 1.12 9.13 -0.47
N LEU A 308 1.44 8.49 0.65
CA LEU A 308 0.55 7.53 1.31
C LEU A 308 -0.47 8.21 2.22
N VAL A 309 -0.01 9.18 3.00
CA VAL A 309 -0.89 9.95 3.87
C VAL A 309 -2.00 10.63 3.06
N THR A 310 -1.68 11.06 1.84
CA THR A 310 -2.66 11.70 0.94
C THR A 310 -3.44 10.69 0.07
N GLY A 311 -3.34 9.40 0.43
CA GLY A 311 -4.32 8.42 0.01
C GLY A 311 -3.94 7.35 -1.01
N ARG A 312 -2.68 7.37 -1.45
CA ARG A 312 -2.20 6.32 -2.36
C ARG A 312 -1.81 5.05 -1.60
N THR A 313 -1.93 3.92 -2.27
CA THR A 313 -1.64 2.60 -1.69
C THR A 313 -0.59 1.89 -2.53
N TRP A 314 0.40 1.30 -1.86
CA TRP A 314 1.46 0.55 -2.54
C TRP A 314 1.30 -0.93 -2.22
N LYS A 315 1.14 -1.74 -3.25
CA LYS A 315 1.06 -3.19 -3.07
C LYS A 315 1.87 -3.95 -4.12
N GLY A 316 1.87 -5.27 -4.02
CA GLY A 316 2.60 -6.10 -4.95
C GLY A 316 1.86 -7.38 -5.22
N THR A 317 2.38 -8.18 -6.15
CA THR A 317 1.75 -9.43 -6.46
C THR A 317 2.77 -10.52 -6.78
N ALA A 318 2.39 -11.76 -6.45
CA ALA A 318 3.20 -12.93 -6.79
C ALA A 318 2.31 -13.89 -7.56
N PHE A 319 2.67 -14.16 -8.82
CA PHE A 319 1.88 -15.03 -9.70
C PHE A 319 0.41 -14.57 -9.74
N GLY A 320 0.21 -13.25 -9.79
CA GLY A 320 -1.13 -12.65 -9.87
C GLY A 320 -2.05 -12.92 -8.70
N GLY A 321 -1.50 -13.39 -7.59
CA GLY A 321 -2.29 -13.69 -6.40
C GLY A 321 -3.12 -14.96 -6.48
N TRP A 322 -2.99 -15.71 -7.59
CA TRP A 322 -3.75 -16.93 -7.79
C TRP A 322 -3.31 -18.05 -6.85
N LYS A 323 -4.23 -18.58 -6.05
CA LYS A 323 -3.99 -19.86 -5.39
C LYS A 323 -3.87 -20.89 -6.52
N SER A 324 -2.67 -21.39 -6.72
CA SER A 324 -2.24 -21.96 -8.02
C SER A 324 -2.96 -23.25 -8.48
N VAL A 325 -3.12 -24.20 -7.56
CA VAL A 325 -3.70 -25.51 -7.91
C VAL A 325 -5.18 -25.39 -8.25
N GLU A 326 -5.90 -24.54 -7.52
CA GLU A 326 -7.31 -24.34 -7.81
C GLU A 326 -7.56 -23.37 -8.98
N SER A 327 -6.64 -22.43 -9.19
CA SER A 327 -6.87 -21.32 -10.15
C SER A 327 -6.40 -21.58 -11.58
N VAL A 328 -5.24 -22.21 -11.73
CA VAL A 328 -4.68 -22.45 -13.06
C VAL A 328 -5.63 -23.24 -14.00
N PRO A 329 -6.30 -24.31 -13.49
CA PRO A 329 -7.30 -24.97 -14.31
C PRO A 329 -8.44 -24.04 -14.75
N LYS A 330 -8.85 -23.13 -13.87
CA LYS A 330 -9.90 -22.16 -14.18
C LYS A 330 -9.44 -21.15 -15.23
N LEU A 331 -8.17 -20.76 -15.17
CA LEU A 331 -7.57 -19.89 -16.18
C LEU A 331 -7.49 -20.56 -17.55
N VAL A 332 -7.07 -21.84 -17.55
CA VAL A 332 -7.13 -22.63 -18.77
C VAL A 332 -8.55 -22.65 -19.33
N SER A 333 -9.54 -22.86 -18.46
CA SER A 333 -10.95 -22.84 -18.87
C SER A 333 -11.40 -21.48 -19.44
N GLU A 334 -10.89 -20.39 -18.89
CA GLU A 334 -11.19 -19.05 -19.42
C GLU A 334 -10.58 -18.85 -20.82
N TYR A 335 -9.39 -19.40 -21.03
CA TYR A 335 -8.78 -19.39 -22.35
C TYR A 335 -9.59 -20.22 -23.35
N MET A 336 -9.96 -21.44 -22.93
CA MET A 336 -10.73 -22.34 -23.79
C MET A 336 -12.08 -21.73 -24.19
N SER A 337 -12.66 -20.95 -23.28
CA SER A 337 -13.96 -20.29 -23.51
CA SER A 337 -13.96 -20.31 -23.53
C SER A 337 -13.81 -18.92 -24.16
N LYS A 338 -12.57 -18.57 -24.51
CA LYS A 338 -12.20 -17.29 -25.14
C LYS A 338 -12.48 -16.03 -24.32
N LYS A 339 -12.49 -16.20 -22.99
CA LYS A 339 -12.61 -15.09 -22.05
C LYS A 339 -11.27 -14.34 -21.95
N ILE A 340 -10.16 -15.07 -22.03
CA ILE A 340 -8.82 -14.47 -22.08
C ILE A 340 -8.01 -14.97 -23.28
N LYS A 341 -6.97 -14.21 -23.63
CA LYS A 341 -6.07 -14.56 -24.73
C LYS A 341 -4.82 -15.28 -24.23
N VAL A 342 -4.32 -16.21 -25.04
CA VAL A 342 -3.03 -16.85 -24.79
C VAL A 342 -2.21 -16.87 -26.07
N ASP A 343 -2.83 -17.32 -27.16
CA ASP A 343 -2.16 -17.43 -28.47
C ASP A 343 -1.44 -16.14 -28.88
N GLU A 344 -2.06 -15.01 -28.56
CA GLU A 344 -1.57 -13.68 -28.95
C GLU A 344 -0.26 -13.27 -28.28
N PHE A 345 0.16 -14.00 -27.25
CA PHE A 345 1.43 -13.75 -26.58
C PHE A 345 2.59 -14.45 -27.27
N VAL A 346 2.29 -15.49 -28.06
CA VAL A 346 3.33 -16.28 -28.72
C VAL A 346 3.87 -15.50 -29.92
N THR A 347 5.12 -15.06 -29.82
CA THR A 347 5.74 -14.30 -30.91
C THR A 347 6.74 -15.11 -31.72
N HIS A 348 7.30 -16.17 -31.12
CA HIS A 348 8.25 -17.04 -31.81
C HIS A 348 8.04 -18.49 -31.38
N ASN A 349 8.46 -19.42 -32.24
CA ASN A 349 8.41 -20.85 -31.95
C ASN A 349 9.73 -21.50 -32.31
N LEU A 350 10.24 -22.35 -31.42
CA LEU A 350 11.53 -23.02 -31.62
C LEU A 350 11.46 -24.49 -31.21
N SER A 351 12.39 -25.29 -31.72
CA SER A 351 12.55 -26.65 -31.23
C SER A 351 13.50 -26.63 -30.04
N PHE A 352 13.51 -27.72 -29.27
CA PHE A 352 14.33 -27.83 -28.05
C PHE A 352 15.81 -27.52 -28.26
N ASP A 353 16.42 -28.11 -29.29
CA ASP A 353 17.85 -27.87 -29.59
C ASP A 353 18.19 -26.39 -29.82
N GLU A 354 17.20 -25.62 -30.27
CA GLU A 354 17.35 -24.19 -30.55
C GLU A 354 17.05 -23.30 -29.34
N ILE A 355 16.97 -23.89 -28.15
CA ILE A 355 16.54 -23.15 -26.95
C ILE A 355 17.31 -21.86 -26.66
N ASN A 356 18.62 -21.86 -26.96
CA ASN A 356 19.46 -20.67 -26.77
C ASN A 356 19.00 -19.45 -27.58
N LYS A 357 18.39 -19.69 -28.73
CA LYS A 357 17.88 -18.59 -29.57
C LYS A 357 16.72 -17.84 -28.92
N ALA A 358 15.98 -18.52 -28.04
CA ALA A 358 14.92 -17.88 -27.26
C ALA A 358 15.51 -16.85 -26.30
N PHE A 359 16.68 -17.16 -25.74
CA PHE A 359 17.41 -16.21 -24.90
C PHE A 359 17.92 -15.02 -25.71
N GLU A 360 18.39 -15.30 -26.93
CA GLU A 360 18.85 -14.25 -27.86
C GLU A 360 17.72 -13.30 -28.25
N LEU A 361 16.53 -13.86 -28.52
CA LEU A 361 15.35 -13.06 -28.86
C LEU A 361 14.91 -12.15 -27.71
N MET A 362 15.00 -12.64 -26.48
CA MET A 362 14.67 -11.87 -25.27
C MET A 362 15.61 -10.68 -25.10
N HIS A 363 16.91 -10.94 -25.25
CA HIS A 363 17.94 -9.92 -25.05
C HIS A 363 17.81 -8.80 -26.08
N SER A 364 17.37 -9.15 -27.29
CA SER A 364 17.21 -8.18 -28.39
C SER A 364 15.99 -7.27 -28.24
N GLY A 365 15.05 -7.64 -27.37
CA GLY A 365 13.80 -6.91 -27.19
C GLY A 365 12.73 -7.22 -28.25
N LYS A 366 13.00 -8.23 -29.07
CA LYS A 366 12.15 -8.54 -30.23
C LYS A 366 11.03 -9.55 -29.95
N SER A 367 10.96 -10.07 -28.73
CA SER A 367 9.97 -11.09 -28.42
C SER A 367 9.04 -10.71 -27.28
N ILE A 368 7.87 -11.35 -27.25
CA ILE A 368 7.04 -11.37 -26.05
C ILE A 368 7.25 -12.72 -25.36
N ARG A 369 6.81 -13.80 -26.01
CA ARG A 369 7.12 -15.15 -25.57
C ARG A 369 7.51 -16.05 -26.74
N THR A 370 8.60 -16.79 -26.56
CA THR A 370 9.01 -17.82 -27.50
C THR A 370 8.65 -19.16 -26.88
N VAL A 371 7.86 -19.95 -27.61
CA VAL A 371 7.47 -21.28 -27.14
C VAL A 371 8.41 -22.33 -27.74
N VAL A 372 9.03 -23.10 -26.86
CA VAL A 372 9.98 -24.12 -27.25
C VAL A 372 9.28 -25.45 -27.22
N LYS A 373 9.21 -26.08 -28.40
CA LYS A 373 8.61 -27.38 -28.54
C LYS A 373 9.65 -28.44 -28.19
N ILE A 374 9.31 -29.28 -27.23
CA ILE A 374 10.21 -30.35 -26.81
C ILE A 374 10.23 -31.45 -27.87
N ALA B 2 -23.98 38.08 10.18
CA ALA B 2 -23.02 38.18 11.32
C ALA B 2 -23.32 39.38 12.19
N ASN B 3 -22.35 40.28 12.30
CA ASN B 3 -22.54 41.65 12.78
C ASN B 3 -21.30 42.54 12.60
N GLU B 4 -20.60 42.80 13.69
CA GLU B 4 -19.55 43.79 13.76
C GLU B 4 -18.19 43.14 13.95
N VAL B 5 -17.14 43.94 13.85
CA VAL B 5 -15.78 43.54 14.24
C VAL B 5 -15.79 43.18 15.73
N ILE B 6 -15.14 42.06 16.07
CA ILE B 6 -14.97 41.68 17.46
C ILE B 6 -13.54 41.98 17.91
N LYS B 7 -13.40 42.63 19.05
CA LYS B 7 -12.10 42.85 19.67
C LYS B 7 -11.94 41.83 20.80
N CYS B 8 -10.96 40.93 20.65
CA CYS B 8 -10.79 39.84 21.61
C CYS B 8 -9.31 39.50 21.79
N LYS B 9 -9.03 38.45 22.57
CA LYS B 9 -7.66 37.95 22.73
C LYS B 9 -7.41 36.78 21.79
N ALA B 10 -6.16 36.65 21.36
CA ALA B 10 -5.72 35.46 20.62
C ALA B 10 -4.24 35.22 20.93
N ALA B 11 -3.80 33.97 20.76
CA ALA B 11 -2.40 33.63 20.90
C ALA B 11 -1.75 33.73 19.53
N VAL B 12 -1.06 34.85 19.32
CA VAL B 12 -0.39 35.15 18.05
C VAL B 12 1.02 34.58 18.04
N ALA B 13 1.37 33.92 16.93
CA ALA B 13 2.74 33.53 16.65
C ALA B 13 3.34 34.60 15.74
N TRP B 14 4.09 35.52 16.34
CA TRP B 14 4.66 36.62 15.56
C TRP B 14 5.74 36.15 14.60
N GLU B 15 6.47 35.11 14.99
CA GLU B 15 7.65 34.68 14.24
C GLU B 15 8.01 33.23 14.57
N ALA B 16 8.64 32.57 13.61
CA ALA B 16 9.16 31.21 13.80
C ALA B 16 10.11 31.16 14.98
N GLY B 17 10.04 30.06 15.74
CA GLY B 17 10.98 29.79 16.83
C GLY B 17 10.71 30.55 18.12
N LYS B 18 9.62 31.32 18.16
CA LYS B 18 9.28 32.10 19.35
C LYS B 18 8.00 31.57 19.99
N PRO B 19 7.81 31.81 21.31
CA PRO B 19 6.56 31.44 21.95
C PRO B 19 5.37 32.22 21.40
N LEU B 20 4.18 31.79 21.75
CA LEU B 20 2.96 32.50 21.41
C LEU B 20 2.77 33.69 22.34
N SER B 21 2.17 34.75 21.81
CA SER B 21 1.92 35.96 22.58
C SER B 21 0.42 36.22 22.64
N ILE B 22 -0.12 36.32 23.86
CA ILE B 22 -1.50 36.71 24.05
C ILE B 22 -1.64 38.20 23.71
N GLU B 23 -2.31 38.47 22.59
CA GLU B 23 -2.47 39.84 22.08
C GLU B 23 -3.93 40.22 21.97
N GLU B 24 -4.20 41.52 21.98
CA GLU B 24 -5.50 42.05 21.62
C GLU B 24 -5.58 42.09 20.09
N ILE B 25 -6.55 41.37 19.54
CA ILE B 25 -6.71 41.31 18.08
C ILE B 25 -8.10 41.80 17.67
N GLU B 26 -8.30 41.96 16.37
CA GLU B 26 -9.62 42.25 15.84
C GLU B 26 -10.03 41.12 14.89
N VAL B 27 -11.27 40.65 15.05
CA VAL B 27 -11.81 39.61 14.19
C VAL B 27 -12.98 40.18 13.38
N ALA B 28 -12.78 40.27 12.07
CA ALA B 28 -13.78 40.74 11.14
C ALA B 28 -15.03 39.86 11.16
N PRO B 29 -16.21 40.43 10.86
CA PRO B 29 -17.41 39.60 10.74
C PRO B 29 -17.33 38.65 9.53
N PRO B 30 -18.05 37.52 9.58
CA PRO B 30 -17.93 36.58 8.47
C PRO B 30 -18.52 37.13 7.16
N LYS B 31 -17.83 36.88 6.06
CA LYS B 31 -18.34 37.23 4.73
C LYS B 31 -19.26 36.11 4.24
N ALA B 32 -19.66 36.16 2.97
CA ALA B 32 -20.52 35.12 2.42
C ALA B 32 -19.91 33.75 2.65
N HIS B 33 -20.72 32.82 3.14
CA HIS B 33 -20.32 31.42 3.32
C HIS B 33 -19.15 31.25 4.29
N GLU B 34 -19.16 32.08 5.33
CA GLU B 34 -18.19 31.98 6.42
C GLU B 34 -18.96 31.93 7.73
N VAL B 35 -18.29 31.43 8.77
CA VAL B 35 -18.90 31.24 10.07
C VAL B 35 -17.93 31.73 11.15
N ARG B 36 -18.39 32.61 12.02
CA ARG B 36 -17.58 33.05 13.15
C ARG B 36 -17.94 32.23 14.38
N ILE B 37 -16.91 31.69 15.02
CA ILE B 37 -17.05 30.72 16.10
C ILE B 37 -16.36 31.24 17.35
N LYS B 38 -17.07 31.24 18.48
CA LYS B 38 -16.46 31.49 19.77
C LYS B 38 -15.83 30.18 20.26
N ILE B 39 -14.50 30.15 20.34
CA ILE B 39 -13.82 28.95 20.79
C ILE B 39 -13.90 28.83 22.31
N ILE B 40 -14.36 27.67 22.78
CA ILE B 40 -14.51 27.43 24.22
C ILE B 40 -13.30 26.67 24.78
N ALA B 41 -12.79 25.72 24.00
CA ALA B 41 -11.64 24.90 24.40
C ALA B 41 -10.83 24.50 23.20
N THR B 42 -9.51 24.45 23.39
CA THR B 42 -8.59 24.05 22.34
C THR B 42 -7.45 23.23 22.95
N ALA B 43 -6.82 22.38 22.15
CA ALA B 43 -5.67 21.62 22.61
C ALA B 43 -4.50 21.83 21.66
N VAL B 44 -3.33 21.38 22.08
CA VAL B 44 -2.12 21.56 21.28
C VAL B 44 -1.67 20.22 20.72
N CYS B 45 -1.40 20.22 19.42
CA CYS B 45 -0.98 19.02 18.71
C CYS B 45 0.39 19.22 18.09
N HIS B 46 1.11 18.13 17.90
CA HIS B 46 2.47 18.14 17.36
C HIS B 46 2.68 19.07 16.16
N THR B 47 1.73 19.09 15.22
CA THR B 47 1.93 19.87 14.00
C THR B 47 1.88 21.39 14.22
N ASP B 48 1.14 21.82 15.25
CA ASP B 48 1.20 23.22 15.71
C ASP B 48 2.64 23.63 16.03
N ALA B 49 3.35 22.77 16.77
CA ALA B 49 4.77 23.02 17.11
C ALA B 49 5.68 22.94 15.90
N TYR B 50 5.41 22.01 14.99
CA TYR B 50 6.19 21.89 13.75
C TYR B 50 6.17 23.20 12.97
N THR B 51 4.97 23.75 12.76
CA THR B 51 4.82 25.02 12.08
C THR B 51 5.48 26.16 12.89
N LEU B 52 5.26 26.17 14.20
CA LEU B 52 5.79 27.23 15.05
C LEU B 52 7.32 27.30 15.01
N SER B 53 7.96 26.13 14.88
CA SER B 53 9.42 25.98 14.93
C SER B 53 10.17 26.66 13.79
N GLY B 54 9.50 26.84 12.65
CA GLY B 54 10.16 27.37 11.47
C GLY B 54 10.59 26.31 10.49
N ALA B 55 10.49 25.04 10.90
CA ALA B 55 10.91 23.90 10.08
C ALA B 55 9.95 23.61 8.93
N ASP B 56 8.73 24.10 9.04
CA ASP B 56 7.68 23.89 8.03
C ASP B 56 7.91 24.84 6.86
N PRO B 57 8.26 24.30 5.67
CA PRO B 57 8.49 25.12 4.47
C PRO B 57 7.23 25.86 4.02
N GLU B 58 6.08 25.43 4.52
CA GLU B 58 4.81 26.07 4.21
C GLU B 58 4.32 27.02 5.31
N GLY B 59 5.07 27.09 6.41
CA GLY B 59 4.73 27.96 7.53
C GLY B 59 4.93 29.43 7.23
N CYS B 60 3.91 30.24 7.51
CA CYS B 60 3.98 31.69 7.29
C CYS B 60 3.56 32.45 8.54
N PHE B 61 4.21 33.59 8.77
CA PHE B 61 4.01 34.37 9.99
C PHE B 61 3.72 35.83 9.64
N PRO B 62 3.04 36.58 10.54
CA PRO B 62 2.44 36.15 11.80
C PRO B 62 1.16 35.34 11.56
N VAL B 63 0.83 34.48 12.51
CA VAL B 63 -0.25 33.51 12.32
C VAL B 63 -0.92 33.16 13.64
N ILE B 64 -2.21 32.82 13.57
CA ILE B 64 -2.93 32.27 14.70
C ILE B 64 -3.07 30.77 14.45
N LEU B 65 -2.37 29.98 15.26
CA LEU B 65 -2.31 28.53 15.10
C LEU B 65 -3.51 27.84 15.76
N GLY B 66 -3.46 26.51 15.84
CA GLY B 66 -4.48 25.72 16.51
C GLY B 66 -5.48 25.12 15.55
N HIS B 67 -5.75 23.82 15.69
CA HIS B 67 -6.67 23.12 14.80
C HIS B 67 -7.49 22.04 15.51
N GLU B 68 -7.28 21.90 16.82
CA GLU B 68 -8.10 21.03 17.67
C GLU B 68 -8.92 21.92 18.59
N GLY B 69 -10.18 22.13 18.24
CA GLY B 69 -11.01 23.05 19.01
C GLY B 69 -12.49 22.69 19.00
N ALA B 70 -13.22 23.30 19.91
CA ALA B 70 -14.67 23.14 19.98
C ALA B 70 -15.26 24.45 20.46
N GLY B 71 -16.40 24.83 19.89
CA GLY B 71 -16.99 26.11 20.25
C GLY B 71 -18.45 26.26 19.90
N ILE B 72 -18.88 27.51 19.89
CA ILE B 72 -20.26 27.86 19.65
C ILE B 72 -20.28 28.90 18.54
N VAL B 73 -21.16 28.72 17.55
CA VAL B 73 -21.32 29.70 16.48
C VAL B 73 -21.79 31.04 17.06
N GLU B 74 -21.02 32.08 16.79
CA GLU B 74 -21.37 33.43 17.24
C GLU B 74 -22.25 34.10 16.17
N SER B 75 -21.92 33.88 14.90
CA SER B 75 -22.68 34.43 13.77
C SER B 75 -22.27 33.78 12.45
N VAL B 76 -23.13 33.93 11.46
CA VAL B 76 -22.89 33.34 10.14
C VAL B 76 -22.96 34.40 9.03
N GLY B 77 -22.22 34.16 7.96
CA GLY B 77 -22.22 35.07 6.82
C GLY B 77 -23.42 34.88 5.91
N GLU B 78 -23.50 35.74 4.90
CA GLU B 78 -24.54 35.66 3.88
C GLU B 78 -24.53 34.28 3.20
N GLY B 79 -25.73 33.72 3.02
CA GLY B 79 -25.89 32.47 2.29
C GLY B 79 -25.74 31.22 3.13
N VAL B 80 -25.45 31.38 4.41
CA VAL B 80 -25.31 30.25 5.33
C VAL B 80 -26.69 29.95 5.96
N THR B 81 -27.19 28.73 5.76
CA THR B 81 -28.52 28.35 6.24
C THR B 81 -28.55 27.14 7.18
N LYS B 82 -27.56 26.26 7.04
CA LYS B 82 -27.51 25.02 7.83
C LYS B 82 -26.87 25.21 9.21
N LEU B 83 -26.36 26.42 9.44
CA LEU B 83 -25.77 26.79 10.72
C LEU B 83 -26.31 28.14 11.16
N LYS B 84 -26.39 28.34 12.46
CA LYS B 84 -26.89 29.58 13.02
C LYS B 84 -26.21 29.85 14.36
N ALA B 85 -26.30 31.11 14.82
CA ALA B 85 -25.78 31.50 16.13
C ALA B 85 -26.26 30.55 17.23
N GLY B 86 -25.33 30.10 18.05
CA GLY B 86 -25.65 29.20 19.14
C GLY B 86 -25.41 27.72 18.89
N ASP B 87 -25.29 27.32 17.62
CA ASP B 87 -24.97 25.92 17.30
C ASP B 87 -23.64 25.53 17.90
N THR B 88 -23.58 24.30 18.42
CA THR B 88 -22.38 23.73 19.01
C THR B 88 -21.57 23.08 17.91
N VAL B 89 -20.29 23.46 17.78
CA VAL B 89 -19.49 23.07 16.62
C VAL B 89 -18.05 22.68 16.91
N ILE B 90 -17.49 21.92 15.98
CA ILE B 90 -16.05 21.66 15.90
C ILE B 90 -15.56 22.15 14.53
N PRO B 91 -14.57 23.06 14.51
CA PRO B 91 -13.97 23.49 13.23
C PRO B 91 -13.10 22.39 12.64
N LEU B 92 -13.05 22.34 11.31
CA LEU B 92 -12.46 21.20 10.58
C LEU B 92 -11.30 21.65 9.68
N TYR B 93 -10.11 21.08 9.87
CA TYR B 93 -9.01 21.37 8.96
C TYR B 93 -9.09 20.60 7.63
N ILE B 94 -9.87 19.52 7.61
CA ILE B 94 -10.28 18.86 6.37
C ILE B 94 -11.76 19.19 6.19
N PRO B 95 -12.09 20.02 5.18
CA PRO B 95 -13.50 20.39 5.02
C PRO B 95 -14.29 19.31 4.27
N GLN B 96 -15.59 19.56 4.08
CA GLN B 96 -16.41 18.70 3.24
C GLN B 96 -17.45 19.54 2.49
N CYS B 97 -17.09 19.95 1.28
CA CYS B 97 -17.98 20.75 0.44
C CYS B 97 -19.12 19.90 -0.13
N GLY B 98 -18.89 18.59 -0.21
CA GLY B 98 -19.90 17.65 -0.72
C GLY B 98 -20.10 17.65 -2.22
N GLU B 99 -19.32 18.46 -2.94
CA GLU B 99 -19.54 18.70 -4.38
C GLU B 99 -18.34 18.44 -5.29
N CYS B 100 -17.13 18.46 -4.72
CA CYS B 100 -15.93 18.30 -5.53
C CYS B 100 -15.66 16.82 -5.82
N LYS B 101 -14.72 16.59 -6.74
CA LYS B 101 -14.33 15.24 -7.16
CA LYS B 101 -14.33 15.24 -7.16
C LYS B 101 -14.05 14.33 -5.96
N PHE B 102 -13.37 14.86 -4.96
CA PHE B 102 -12.98 14.09 -3.78
C PHE B 102 -14.16 13.81 -2.84
N CYS B 103 -14.95 14.84 -2.55
CA CYS B 103 -16.15 14.65 -1.72
C CYS B 103 -17.09 13.61 -2.33
N LEU B 104 -17.19 13.62 -3.65
CA LEU B 104 -18.08 12.69 -4.36
C LEU B 104 -17.58 11.26 -4.40
N ASN B 105 -16.29 11.07 -4.13
CA ASN B 105 -15.68 9.74 -4.14
C ASN B 105 -15.63 9.14 -2.73
N PRO B 106 -16.33 8.01 -2.50
CA PRO B 106 -16.36 7.37 -1.18
C PRO B 106 -15.01 6.87 -0.67
N LYS B 107 -14.00 6.81 -1.52
CA LYS B 107 -12.69 6.29 -1.10
C LYS B 107 -11.78 7.32 -0.42
N THR B 108 -12.23 8.57 -0.37
CA THR B 108 -11.38 9.66 0.14
C THR B 108 -12.18 10.71 0.91
N ASN B 109 -11.48 11.45 1.78
CA ASN B 109 -12.07 12.59 2.51
C ASN B 109 -11.39 13.91 2.22
N LEU B 110 -10.45 13.91 1.28
CA LEU B 110 -9.63 15.10 1.00
C LEU B 110 -10.33 16.13 0.09
N CYS B 111 -11.35 16.78 0.61
CA CYS B 111 -12.03 17.87 -0.10
C CYS B 111 -11.00 18.91 -0.58
N GLN B 112 -11.11 19.30 -1.84
CA GLN B 112 -10.16 20.22 -2.47
C GLN B 112 -10.71 21.64 -2.65
N LYS B 113 -11.95 21.88 -2.25
CA LYS B 113 -12.65 23.12 -2.56
C LYS B 113 -11.88 24.40 -2.17
N ILE B 114 -11.25 24.39 -1.00
CA ILE B 114 -10.64 25.61 -0.45
C ILE B 114 -9.15 25.46 -0.11
N ARG B 115 -8.53 24.38 -0.58
CA ARG B 115 -7.18 24.01 -0.14
C ARG B 115 -6.08 25.03 -0.46
N VAL B 116 -6.19 25.71 -1.60
CA VAL B 116 -5.16 26.67 -2.01
C VAL B 116 -5.13 27.89 -1.09
N THR B 117 -6.28 28.52 -0.89
CA THR B 117 -6.40 29.63 0.05
C THR B 117 -6.06 29.19 1.47
N GLN B 118 -6.56 28.03 1.87
CA GLN B 118 -6.27 27.50 3.22
C GLN B 118 -4.78 27.32 3.46
N GLY B 119 -4.07 26.78 2.47
CA GLY B 119 -2.62 26.62 2.54
C GLY B 119 -1.87 27.93 2.74
N LYS B 120 -2.44 29.02 2.22
CA LYS B 120 -1.87 30.36 2.35
C LYS B 120 -2.31 31.11 3.61
N GLY B 121 -3.16 30.48 4.41
CA GLY B 121 -3.64 31.10 5.65
C GLY B 121 -4.73 32.14 5.42
N LEU B 122 -5.54 31.91 4.39
CA LEU B 122 -6.57 32.85 3.96
C LEU B 122 -7.95 32.20 3.90
N MET B 123 -8.99 33.02 4.02
CA MET B 123 -10.35 32.57 3.72
C MET B 123 -10.49 32.31 2.21
N PRO B 124 -11.57 31.61 1.79
CA PRO B 124 -11.75 31.31 0.36
C PRO B 124 -11.77 32.51 -0.60
N ASP B 125 -12.04 33.71 -0.10
CA ASP B 125 -11.96 34.91 -0.96
C ASP B 125 -10.55 35.49 -1.08
N GLY B 126 -9.57 34.83 -0.47
CA GLY B 126 -8.17 35.23 -0.57
C GLY B 126 -7.72 36.31 0.40
N THR B 127 -8.48 36.52 1.47
CA THR B 127 -8.14 37.50 2.50
C THR B 127 -8.28 36.90 3.89
N SER B 128 -7.65 37.54 4.89
CA SER B 128 -7.72 37.12 6.28
C SER B 128 -8.72 37.97 7.10
N ARG B 129 -9.32 37.35 8.10
CA ARG B 129 -10.25 38.04 8.99
C ARG B 129 -9.55 38.57 10.23
N PHE B 130 -8.25 38.31 10.36
CA PHE B 130 -7.51 38.68 11.57
C PHE B 130 -6.58 39.88 11.38
N THR B 131 -6.62 40.81 12.32
CA THR B 131 -5.62 41.89 12.41
C THR B 131 -5.14 42.06 13.85
N CYS B 132 -3.91 42.53 14.01
CA CYS B 132 -3.35 42.81 15.33
C CYS B 132 -2.33 43.93 15.20
N LYS B 133 -2.58 45.01 15.93
CA LYS B 133 -1.70 46.19 15.96
C LYS B 133 -1.38 46.70 14.55
N GLY B 134 -2.40 46.72 13.70
CA GLY B 134 -2.28 47.24 12.34
C GLY B 134 -1.74 46.26 11.30
N LYS B 135 -1.46 45.03 11.72
CA LYS B 135 -0.89 44.02 10.83
C LYS B 135 -1.87 42.90 10.54
N THR B 136 -1.85 42.40 9.30
CA THR B 136 -2.62 41.22 8.92
C THR B 136 -2.03 39.98 9.60
N ILE B 137 -2.88 39.21 10.27
CA ILE B 137 -2.46 37.95 10.88
C ILE B 137 -3.11 36.80 10.09
N LEU B 138 -2.32 35.79 9.75
CA LEU B 138 -2.81 34.70 8.92
C LEU B 138 -3.65 33.68 9.70
N HIS B 139 -4.56 33.03 8.98
CA HIS B 139 -5.25 31.84 9.46
C HIS B 139 -4.29 30.64 9.39
N TYR B 140 -4.71 29.53 10.00
CA TYR B 140 -3.91 28.31 9.99
C TYR B 140 -4.80 27.07 9.97
N MET B 141 -4.50 26.17 9.03
CA MET B 141 -5.24 24.91 8.82
CA MET B 141 -5.25 24.92 8.87
C MET B 141 -6.76 25.13 8.70
N GLY B 142 -7.12 26.33 8.25
CA GLY B 142 -8.53 26.71 8.07
C GLY B 142 -9.30 26.90 9.35
N THR B 143 -8.61 26.79 10.49
CA THR B 143 -9.27 26.70 11.79
C THR B 143 -8.89 27.80 12.81
N SER B 144 -7.59 28.05 12.95
CA SER B 144 -7.05 29.04 13.90
C SER B 144 -7.75 29.05 15.25
N THR B 145 -7.66 27.94 15.98
CA THR B 145 -8.44 27.74 17.22
C THR B 145 -7.82 28.45 18.43
N PHE B 146 -6.59 28.97 18.30
CA PHE B 146 -5.93 29.67 19.42
C PHE B 146 -6.36 31.14 19.51
N SER B 147 -7.69 31.35 19.52
CA SER B 147 -8.29 32.67 19.53
C SER B 147 -9.62 32.58 20.23
N GLU B 148 -10.02 33.67 20.89
CA GLU B 148 -11.35 33.71 21.52
C GLU B 148 -12.44 33.54 20.45
N TYR B 149 -12.21 34.14 19.28
CA TYR B 149 -13.09 34.02 18.13
C TYR B 149 -12.29 33.74 16.86
N THR B 150 -12.76 32.78 16.07
CA THR B 150 -12.17 32.52 14.76
C THR B 150 -13.23 32.62 13.66
N VAL B 151 -12.79 32.78 12.42
CA VAL B 151 -13.68 32.69 11.26
C VAL B 151 -13.20 31.58 10.35
N VAL B 152 -14.13 30.71 9.95
CA VAL B 152 -13.84 29.59 9.08
C VAL B 152 -14.81 29.55 7.91
N ALA B 153 -14.44 28.86 6.85
CA ALA B 153 -15.33 28.62 5.72
C ALA B 153 -16.49 27.77 6.20
N ASP B 154 -17.69 27.98 5.64
CA ASP B 154 -18.85 27.23 6.12
C ASP B 154 -18.76 25.72 5.87
N ILE B 155 -17.87 25.31 4.97
CA ILE B 155 -17.62 23.88 4.71
C ILE B 155 -16.61 23.26 5.72
N SER B 156 -16.07 24.11 6.60
CA SER B 156 -15.10 23.67 7.61
C SER B 156 -15.72 23.54 9.01
N VAL B 157 -17.02 23.20 9.06
CA VAL B 157 -17.75 23.16 10.33
C VAL B 157 -18.56 21.88 10.51
N ALA B 158 -18.36 21.19 11.62
CA ALA B 158 -19.23 20.08 12.03
C ALA B 158 -20.16 20.56 13.15
N LYS B 159 -21.47 20.43 12.93
CA LYS B 159 -22.46 20.73 13.97
C LYS B 159 -22.68 19.50 14.84
N ILE B 160 -22.53 19.66 16.15
CA ILE B 160 -22.50 18.50 17.05
C ILE B 160 -23.57 18.58 18.16
N ASP B 161 -23.74 17.46 18.86
CA ASP B 161 -24.64 17.34 20.01
C ASP B 161 -24.43 18.53 20.96
N PRO B 162 -25.48 19.36 21.17
CA PRO B 162 -25.35 20.53 22.05
C PRO B 162 -25.12 20.22 23.54
N LEU B 163 -25.19 18.94 23.91
CA LEU B 163 -24.87 18.52 25.29
C LEU B 163 -23.41 18.09 25.46
N ALA B 164 -22.67 18.00 24.34
CA ALA B 164 -21.27 17.57 24.40
C ALA B 164 -20.43 18.57 25.19
N PRO B 165 -19.61 18.08 26.14
CA PRO B 165 -18.70 18.97 26.85
C PRO B 165 -17.52 19.38 25.95
N LEU B 166 -17.42 20.68 25.67
CA LEU B 166 -16.47 21.19 24.66
C LEU B 166 -15.01 21.15 25.12
N ASP B 167 -14.81 21.11 26.43
CA ASP B 167 -13.48 20.90 27.02
C ASP B 167 -13.00 19.43 26.90
N LYS B 168 -13.83 18.58 26.32
CA LYS B 168 -13.44 17.21 25.99
C LYS B 168 -13.44 17.00 24.47
N VAL B 169 -14.55 17.30 23.81
CA VAL B 169 -14.72 16.96 22.39
C VAL B 169 -13.87 17.80 21.41
N CYS B 170 -13.24 18.86 21.90
CA CYS B 170 -12.22 19.57 21.11
C CYS B 170 -11.17 18.58 20.56
N LEU B 171 -10.89 17.53 21.32
CA LEU B 171 -9.91 16.50 20.93
C LEU B 171 -10.33 15.66 19.71
N LEU B 172 -11.63 15.64 19.43
CA LEU B 172 -12.15 14.96 18.23
C LEU B 172 -11.89 15.77 16.95
N GLY B 173 -11.38 16.99 17.11
CA GLY B 173 -10.97 17.82 15.97
C GLY B 173 -9.66 17.41 15.31
N CYS B 174 -8.89 16.51 15.94
CA CYS B 174 -7.71 15.96 15.28
C CYS B 174 -7.29 14.55 15.72
N GLY B 175 -6.63 14.47 16.88
CA GLY B 175 -5.89 13.25 17.26
C GLY B 175 -6.71 11.98 17.44
N ILE B 176 -7.77 12.07 18.25
CA ILE B 176 -8.63 10.91 18.54
C ILE B 176 -9.29 10.40 17.27
N SER B 177 -9.88 11.33 16.51
CA SER B 177 -10.58 10.96 15.28
C SER B 177 -9.64 10.30 14.28
N THR B 178 -8.44 10.85 14.17
CA THR B 178 -7.43 10.32 13.27
C THR B 178 -7.05 8.87 13.61
N GLY B 179 -6.67 8.62 14.87
CA GLY B 179 -6.26 7.29 15.29
C GLY B 179 -7.37 6.26 15.19
N TYR B 180 -8.54 6.63 15.68
CA TYR B 180 -9.71 5.78 15.64
C TYR B 180 -10.07 5.40 14.21
N GLY B 181 -10.12 6.39 13.33
CA GLY B 181 -10.39 6.19 11.90
C GLY B 181 -9.31 5.39 11.18
N ALA B 182 -8.05 5.58 11.54
CA ALA B 182 -6.96 4.80 10.94
C ALA B 182 -7.23 3.30 11.10
N ALA B 183 -7.73 2.92 12.27
CA ALA B 183 -8.10 1.53 12.57
C ALA B 183 -9.37 1.08 11.84
N VAL B 184 -10.48 1.77 12.08
CA VAL B 184 -11.79 1.34 11.60
C VAL B 184 -12.13 1.74 10.15
N ASN B 185 -11.45 2.76 9.61
CA ASN B 185 -11.68 3.20 8.23
C ASN B 185 -10.62 2.79 7.23
N THR B 186 -9.37 3.12 7.53
CA THR B 186 -8.26 2.85 6.62
C THR B 186 -7.85 1.38 6.65
N ALA B 187 -7.56 0.86 7.84
CA ALA B 187 -7.24 -0.56 7.97
C ALA B 187 -8.47 -1.43 7.79
N LYS B 188 -9.60 -1.00 8.39
CA LYS B 188 -10.83 -1.81 8.51
C LYS B 188 -10.46 -3.22 8.99
N LEU B 189 -9.81 -3.30 10.15
CA LEU B 189 -9.34 -4.60 10.64
C LEU B 189 -10.50 -5.48 11.09
N GLU B 190 -10.35 -6.78 10.83
CA GLU B 190 -11.37 -7.79 11.13
C GLU B 190 -11.25 -8.24 12.59
N PRO B 191 -12.35 -8.75 13.18
CA PRO B 191 -12.22 -9.29 14.54
C PRO B 191 -11.17 -10.39 14.58
N GLY B 192 -10.39 -10.44 15.67
CA GLY B 192 -9.35 -11.46 15.83
C GLY B 192 -7.97 -11.04 15.33
N SER B 193 -7.89 -9.90 14.64
CA SER B 193 -6.62 -9.40 14.08
C SER B 193 -5.52 -9.17 15.13
N VAL B 194 -4.28 -9.41 14.70
CA VAL B 194 -3.10 -9.10 15.50
C VAL B 194 -2.55 -7.77 15.00
N CYS B 195 -2.42 -6.80 15.91
CA CYS B 195 -2.03 -5.43 15.56
C CYS B 195 -0.80 -4.95 16.34
N ALA B 196 -0.03 -4.05 15.71
CA ALA B 196 1.04 -3.32 16.38
C ALA B 196 0.87 -1.82 16.18
N VAL B 197 1.08 -1.05 17.25
CA VAL B 197 0.92 0.40 17.19
C VAL B 197 2.24 1.04 17.63
N PHE B 198 2.88 1.71 16.69
CA PHE B 198 4.15 2.38 16.94
C PHE B 198 3.88 3.83 17.33
N GLY B 199 4.23 4.18 18.57
CA GLY B 199 3.97 5.51 19.10
C GLY B 199 2.72 5.48 19.95
N LEU B 200 2.86 5.87 21.22
CA LEU B 200 1.76 5.76 22.18
C LEU B 200 1.34 7.11 22.76
N GLY B 201 1.35 8.13 21.91
CA GLY B 201 0.71 9.40 22.20
C GLY B 201 -0.78 9.30 21.91
N GLY B 202 -1.46 10.45 21.87
CA GLY B 202 -2.89 10.49 21.61
C GLY B 202 -3.32 9.74 20.36
N VAL B 203 -2.56 9.87 19.28
CA VAL B 203 -2.88 9.20 18.02
C VAL B 203 -2.80 7.67 18.20
N GLY B 204 -1.67 7.19 18.70
CA GLY B 204 -1.48 5.77 19.00
C GLY B 204 -2.52 5.19 19.93
N LEU B 205 -2.87 5.94 20.98
CA LEU B 205 -3.89 5.50 21.93
C LEU B 205 -5.25 5.37 21.26
N ALA B 206 -5.57 6.29 20.36
CA ALA B 206 -6.81 6.24 19.61
C ALA B 206 -6.82 5.09 18.60
N VAL B 207 -5.66 4.80 18.01
CA VAL B 207 -5.52 3.57 17.18
C VAL B 207 -5.82 2.33 18.03
N ILE B 208 -5.25 2.26 19.23
CA ILE B 208 -5.49 1.13 20.15
C ILE B 208 -6.99 1.03 20.44
N MET B 209 -7.59 2.16 20.77
CA MET B 209 -9.04 2.24 21.02
C MET B 209 -9.85 1.68 19.85
N GLY B 210 -9.44 2.03 18.62
CA GLY B 210 -10.08 1.55 17.39
C GLY B 210 -9.91 0.05 17.19
N CYS B 211 -8.70 -0.44 17.44
CA CYS B 211 -8.40 -1.87 17.34
C CYS B 211 -9.24 -2.70 18.31
N LYS B 212 -9.46 -2.15 19.51
CA LYS B 212 -10.28 -2.83 20.53
C LYS B 212 -11.76 -2.83 20.12
N VAL B 213 -12.25 -1.69 19.64
CA VAL B 213 -13.61 -1.60 19.11
C VAL B 213 -13.83 -2.64 18.00
N ALA B 214 -12.84 -2.80 17.12
CA ALA B 214 -12.93 -3.73 15.99
C ALA B 214 -12.72 -5.20 16.40
N GLY B 215 -12.34 -5.42 17.65
CA GLY B 215 -12.22 -6.78 18.18
C GLY B 215 -10.91 -7.48 17.88
N ALA B 216 -9.82 -6.71 17.84
CA ALA B 216 -8.48 -7.28 17.70
C ALA B 216 -8.19 -8.27 18.84
N SER B 217 -7.49 -9.35 18.52
CA SER B 217 -7.12 -10.36 19.50
C SER B 217 -5.85 -9.98 20.26
N ARG B 218 -4.94 -9.28 19.56
CA ARG B 218 -3.70 -8.79 20.15
C ARG B 218 -3.45 -7.36 19.69
N ILE B 219 -3.05 -6.50 20.62
CA ILE B 219 -2.68 -5.12 20.29
C ILE B 219 -1.36 -4.84 20.99
N ILE B 220 -0.29 -4.82 20.21
CA ILE B 220 1.05 -4.61 20.74
C ILE B 220 1.45 -3.15 20.59
N GLY B 221 1.59 -2.47 21.73
CA GLY B 221 2.05 -1.09 21.76
C GLY B 221 3.56 -1.03 21.74
N VAL B 222 4.08 -0.07 20.99
CA VAL B 222 5.52 0.10 20.82
C VAL B 222 5.88 1.56 21.09
N ASP B 223 6.73 1.81 22.08
CA ASP B 223 7.19 3.16 22.40
C ASP B 223 8.53 3.12 23.12
N ILE B 224 9.42 4.05 22.77
CA ILE B 224 10.71 4.18 23.43
C ILE B 224 10.59 4.81 24.84
N ASN B 225 9.40 5.36 25.13
CA ASN B 225 9.06 5.93 26.43
C ASN B 225 8.13 4.99 27.21
N LYS B 226 8.69 4.24 28.16
CA LYS B 226 7.90 3.24 28.90
C LYS B 226 6.82 3.84 29.81
N ASP B 227 6.91 5.13 30.10
CA ASP B 227 5.86 5.85 30.85
C ASP B 227 4.52 5.85 30.13
N LYS B 228 4.56 5.59 28.82
CA LYS B 228 3.37 5.57 27.97
C LYS B 228 2.62 4.23 28.06
N PHE B 229 3.25 3.23 28.67
CA PHE B 229 2.73 1.87 28.63
C PHE B 229 1.45 1.68 29.44
N ALA B 230 1.39 2.27 30.64
CA ALA B 230 0.24 2.08 31.53
C ALA B 230 -1.07 2.53 30.90
N ARG B 231 -1.07 3.73 30.33
CA ARG B 231 -2.27 4.24 29.67
C ARG B 231 -2.60 3.44 28.41
N ALA B 232 -1.58 3.01 27.68
CA ALA B 232 -1.77 2.16 26.50
C ALA B 232 -2.51 0.86 26.84
N LYS B 233 -2.11 0.23 27.94
CA LYS B 233 -2.79 -0.97 28.45
C LYS B 233 -4.22 -0.67 28.86
N GLU B 234 -4.43 0.48 29.49
CA GLU B 234 -5.78 0.90 29.87
C GLU B 234 -6.71 1.03 28.67
N PHE B 235 -6.15 1.51 27.55
CA PHE B 235 -6.90 1.63 26.28
C PHE B 235 -7.12 0.30 25.55
N GLY B 236 -6.38 -0.73 25.93
CA GLY B 236 -6.60 -2.06 25.40
C GLY B 236 -5.40 -2.78 24.81
N ALA B 237 -4.21 -2.19 24.94
CA ALA B 237 -2.98 -2.87 24.53
C ALA B 237 -2.82 -4.15 25.35
N THR B 238 -2.56 -5.25 24.65
CA THR B 238 -2.42 -6.55 25.32
C THR B 238 -0.99 -6.74 25.82
N GLU B 239 -0.05 -6.06 25.17
CA GLU B 239 1.33 -5.96 25.64
C GLU B 239 2.03 -4.72 25.06
N CYS B 240 3.08 -4.28 25.73
CA CYS B 240 3.82 -3.08 25.36
C CYS B 240 5.30 -3.35 25.35
N ILE B 241 5.97 -2.91 24.29
CA ILE B 241 7.40 -3.16 24.14
C ILE B 241 8.18 -1.88 23.83
N ASN B 242 9.40 -1.84 24.34
CA ASN B 242 10.30 -0.72 24.15
C ASN B 242 11.44 -1.16 23.24
N PRO B 243 11.55 -0.53 22.04
CA PRO B 243 12.60 -0.84 21.07
C PRO B 243 14.02 -0.82 21.67
N GLN B 244 14.24 0.02 22.66
CA GLN B 244 15.55 0.16 23.31
C GLN B 244 15.97 -1.05 24.15
N ASP B 245 15.01 -1.91 24.49
CA ASP B 245 15.28 -3.09 25.29
C ASP B 245 15.82 -4.26 24.46
N PHE B 246 15.80 -4.11 23.12
CA PHE B 246 16.21 -5.18 22.20
C PHE B 246 17.47 -4.82 21.43
N SER B 247 18.25 -5.84 21.08
CA SER B 247 19.48 -5.69 20.31
C SER B 247 19.25 -5.72 18.80
N LYS B 248 18.13 -6.30 18.38
CA LYS B 248 17.82 -6.42 16.96
C LYS B 248 16.75 -5.40 16.54
N PRO B 249 16.57 -5.19 15.22
CA PRO B 249 15.57 -4.25 14.71
C PRO B 249 14.16 -4.60 15.19
N ILE B 250 13.36 -3.57 15.48
CA ILE B 250 12.03 -3.77 16.03
C ILE B 250 11.12 -4.67 15.17
N GLN B 251 11.28 -4.62 13.84
CA GLN B 251 10.48 -5.47 12.95
C GLN B 251 10.79 -6.96 13.18
N GLU B 252 12.05 -7.28 13.42
CA GLU B 252 12.45 -8.66 13.71
C GLU B 252 11.84 -9.14 15.03
N VAL B 253 11.85 -8.25 16.03
CA VAL B 253 11.24 -8.50 17.32
C VAL B 253 9.76 -8.86 17.19
N LEU B 254 9.03 -8.05 16.42
CA LEU B 254 7.59 -8.26 16.26
CA LEU B 254 7.59 -8.24 16.25
C LEU B 254 7.27 -9.51 15.46
N ILE B 255 8.07 -9.79 14.44
CA ILE B 255 7.92 -11.03 13.65
C ILE B 255 8.08 -12.24 14.56
N GLU B 256 9.11 -12.21 15.42
CA GLU B 256 9.34 -13.26 16.41
C GLU B 256 8.17 -13.48 17.37
N MET B 257 7.57 -12.40 17.86
CA MET B 257 6.49 -12.54 18.85
C MET B 257 5.11 -12.85 18.26
N THR B 258 4.99 -12.79 16.94
CA THR B 258 3.70 -13.03 16.28
C THR B 258 3.74 -14.17 15.25
N ASP B 259 4.85 -14.92 15.22
CA ASP B 259 5.04 -16.03 14.28
C ASP B 259 4.84 -15.58 12.83
N GLY B 260 5.59 -14.54 12.44
CA GLY B 260 5.61 -14.09 11.05
C GLY B 260 5.38 -12.60 10.86
N GLY B 261 4.81 -11.95 11.87
CA GLY B 261 4.45 -10.53 11.77
C GLY B 261 2.99 -10.27 12.06
N VAL B 262 2.64 -9.00 12.24
CA VAL B 262 1.28 -8.60 12.59
C VAL B 262 0.39 -8.52 11.35
N ASP B 263 -0.92 -8.61 11.55
CA ASP B 263 -1.88 -8.43 10.47
C ASP B 263 -1.93 -6.97 10.06
N TYR B 264 -1.92 -6.07 11.04
CA TYR B 264 -1.99 -4.62 10.81
C TYR B 264 -1.00 -3.91 11.70
N SER B 265 -0.23 -2.98 11.11
CA SER B 265 0.59 -2.07 11.89
C SER B 265 0.24 -0.61 11.57
N PHE B 266 0.49 0.26 12.54
CA PHE B 266 0.16 1.67 12.43
C PHE B 266 1.35 2.48 12.92
N GLU B 267 1.90 3.33 12.07
CA GLU B 267 2.96 4.22 12.51
C GLU B 267 2.34 5.53 12.95
N CYS B 268 2.52 5.87 14.24
CA CYS B 268 1.90 7.05 14.84
C CYS B 268 2.96 7.96 15.46
N ILE B 269 4.03 8.22 14.72
CA ILE B 269 5.19 8.99 15.21
C ILE B 269 5.59 10.09 14.24
N GLY B 270 5.77 9.72 12.97
CA GLY B 270 6.31 10.62 11.96
C GLY B 270 7.79 10.38 11.69
N ASN B 271 8.25 9.16 11.95
CA ASN B 271 9.66 8.77 11.80
C ASN B 271 9.80 7.79 10.61
N VAL B 272 10.52 8.19 9.57
CA VAL B 272 10.58 7.38 8.33
C VAL B 272 11.26 6.00 8.50
N LYS B 273 12.20 5.90 9.44
CA LYS B 273 12.82 4.61 9.77
C LYS B 273 11.83 3.67 10.43
N VAL B 274 11.06 4.22 11.36
CA VAL B 274 10.01 3.45 12.03
C VAL B 274 8.89 3.07 11.05
N MET B 275 8.62 3.93 10.08
CA MET B 275 7.62 3.62 9.05
C MET B 275 8.02 2.38 8.27
N ARG B 276 9.27 2.31 7.84
CA ARG B 276 9.81 1.12 7.20
C ARG B 276 9.68 -0.10 8.13
N ALA B 277 10.02 0.09 9.40
CA ALA B 277 9.97 -0.98 10.39
C ALA B 277 8.54 -1.47 10.57
N ALA B 278 7.58 -0.54 10.59
CA ALA B 278 6.18 -0.89 10.74
C ALA B 278 5.68 -1.74 9.56
N LEU B 279 6.13 -1.41 8.34
CA LEU B 279 5.79 -2.23 7.17
C LEU B 279 6.42 -3.62 7.27
N GLU B 280 7.71 -3.66 7.58
CA GLU B 280 8.45 -4.92 7.62
C GLU B 280 8.03 -5.85 8.78
N ALA B 281 7.39 -5.26 9.80
CA ALA B 281 6.86 -6.02 10.94
C ALA B 281 5.54 -6.71 10.61
N CYS B 282 4.98 -6.41 9.44
CA CYS B 282 3.71 -6.99 9.00
C CYS B 282 3.92 -8.39 8.43
N HIS B 283 2.92 -9.24 8.59
CA HIS B 283 2.99 -10.62 8.13
C HIS B 283 3.12 -10.69 6.63
N LYS B 284 3.97 -11.60 6.16
CA LYS B 284 4.04 -11.96 4.74
C LYS B 284 2.64 -12.34 4.26
N GLY B 285 2.35 -12.06 2.99
CA GLY B 285 1.11 -12.49 2.37
C GLY B 285 -0.08 -11.55 2.51
N TRP B 286 -0.29 -11.01 3.71
CA TRP B 286 -1.51 -10.22 3.93
C TRP B 286 -1.37 -9.01 4.87
N GLY B 287 -0.16 -8.74 5.35
CA GLY B 287 0.06 -7.67 6.32
C GLY B 287 -0.20 -6.30 5.71
N VAL B 288 -0.75 -5.38 6.51
CA VAL B 288 -1.03 -4.02 6.06
C VAL B 288 -0.48 -3.02 7.09
N SER B 289 0.31 -2.07 6.62
CA SER B 289 0.82 -1.00 7.47
C SER B 289 0.20 0.35 7.06
N VAL B 290 -0.35 1.05 8.04
CA VAL B 290 -0.94 2.38 7.81
C VAL B 290 -0.02 3.46 8.40
N VAL B 291 0.47 4.34 7.55
CA VAL B 291 1.24 5.50 8.00
C VAL B 291 0.25 6.56 8.48
N VAL B 292 0.33 6.91 9.77
CA VAL B 292 -0.50 7.97 10.35
C VAL B 292 0.38 9.18 10.69
N GLY B 293 1.58 8.92 11.20
CA GLY B 293 2.55 9.99 11.49
C GLY B 293 2.88 10.81 10.26
N VAL B 294 3.06 12.11 10.46
CA VAL B 294 3.43 13.03 9.38
C VAL B 294 4.91 13.38 9.55
N ALA B 295 5.74 12.89 8.63
CA ALA B 295 7.18 13.10 8.68
C ALA B 295 7.55 14.51 8.25
N ALA B 296 8.71 14.97 8.68
CA ALA B 296 9.25 16.26 8.25
C ALA B 296 9.42 16.31 6.73
N SER B 297 9.26 17.50 6.15
CA SER B 297 9.32 17.66 4.69
C SER B 297 10.63 17.15 4.10
N GLY B 298 10.54 16.55 2.92
CA GLY B 298 11.72 16.06 2.23
C GLY B 298 12.20 14.68 2.61
N GLU B 299 11.86 14.22 3.82
CA GLU B 299 12.25 12.88 4.27
C GLU B 299 11.52 11.82 3.47
N GLU B 300 12.21 10.71 3.21
CA GLU B 300 11.64 9.65 2.37
C GLU B 300 11.51 8.35 3.14
N ILE B 301 10.48 7.57 2.82
CA ILE B 301 10.40 6.18 3.26
C ILE B 301 11.01 5.26 2.21
N ALA B 302 11.57 4.14 2.67
CA ALA B 302 12.18 3.17 1.78
C ALA B 302 11.90 1.75 2.25
N THR B 303 11.92 0.80 1.33
CA THR B 303 11.94 -0.62 1.65
C THR B 303 12.44 -1.35 0.40
N ARG B 304 12.58 -2.66 0.48
CA ARG B 304 12.85 -3.44 -0.73
C ARG B 304 11.53 -3.90 -1.32
N PRO B 305 11.36 -3.78 -2.66
CA PRO B 305 10.06 -4.14 -3.27
C PRO B 305 9.61 -5.59 -3.01
N PHE B 306 10.56 -6.47 -2.67
CA PHE B 306 10.25 -7.83 -2.21
C PHE B 306 9.17 -7.83 -1.12
N GLN B 307 9.22 -6.84 -0.23
CA GLN B 307 8.24 -6.69 0.85
C GLN B 307 6.80 -6.59 0.35
N LEU B 308 6.60 -5.90 -0.77
CA LEU B 308 5.27 -5.77 -1.39
C LEU B 308 4.93 -6.96 -2.28
N VAL B 309 5.92 -7.43 -3.05
CA VAL B 309 5.72 -8.58 -3.92
C VAL B 309 5.31 -9.82 -3.10
N THR B 310 5.86 -9.94 -1.89
CA THR B 310 5.48 -11.03 -0.99
C THR B 310 4.27 -10.69 -0.09
N GLY B 311 3.50 -9.67 -0.50
CA GLY B 311 2.14 -9.49 -0.03
C GLY B 311 1.81 -8.46 1.03
N ARG B 312 2.77 -7.63 1.40
CA ARG B 312 2.48 -6.53 2.32
C ARG B 312 1.96 -5.31 1.55
N THR B 313 1.15 -4.50 2.23
CA THR B 313 0.50 -3.32 1.63
C THR B 313 0.85 -2.09 2.46
N TRP B 314 1.25 -1.02 1.77
CA TRP B 314 1.59 0.25 2.43
C TRP B 314 0.51 1.29 2.16
N LYS B 315 -0.12 1.77 3.23
CA LYS B 315 -1.18 2.78 3.15
C LYS B 315 -0.87 3.96 4.08
N GLY B 316 -1.68 5.00 3.98
CA GLY B 316 -1.65 6.12 4.89
C GLY B 316 -3.05 6.62 5.15
N THR B 317 -3.17 7.62 6.01
CA THR B 317 -4.48 8.19 6.34
C THR B 317 -4.35 9.67 6.67
N ALA B 318 -5.41 10.43 6.41
CA ALA B 318 -5.50 11.83 6.77
C ALA B 318 -6.79 12.01 7.56
N PHE B 319 -6.66 12.46 8.82
CA PHE B 319 -7.83 12.63 9.70
C PHE B 319 -8.67 11.35 9.74
N GLY B 320 -7.98 10.20 9.79
CA GLY B 320 -8.63 8.90 9.89
C GLY B 320 -9.55 8.50 8.75
N GLY B 321 -9.46 9.20 7.62
CA GLY B 321 -10.30 8.91 6.46
C GLY B 321 -11.75 9.38 6.57
N TRP B 322 -12.07 10.10 7.66
CA TRP B 322 -13.43 10.59 7.89
C TRP B 322 -13.81 11.73 6.96
N LYS B 323 -14.91 11.56 6.22
CA LYS B 323 -15.54 12.69 5.55
C LYS B 323 -16.09 13.55 6.69
N SER B 324 -15.49 14.71 6.87
CA SER B 324 -15.46 15.40 8.16
C SER B 324 -16.79 15.94 8.66
N VAL B 325 -17.54 16.60 7.78
CA VAL B 325 -18.80 17.26 8.18
C VAL B 325 -19.86 16.24 8.59
N GLU B 326 -19.92 15.12 7.88
CA GLU B 326 -20.85 14.05 8.21
C GLU B 326 -20.39 13.14 9.35
N SER B 327 -19.07 12.96 9.50
CA SER B 327 -18.53 11.98 10.45
C SER B 327 -18.31 12.50 11.87
N VAL B 328 -17.81 13.73 11.99
CA VAL B 328 -17.46 14.25 13.32
C VAL B 328 -18.67 14.31 14.29
N PRO B 329 -19.86 14.70 13.80
CA PRO B 329 -21.04 14.61 14.68
C PRO B 329 -21.34 13.16 15.11
N LYS B 330 -21.12 12.21 14.22
CA LYS B 330 -21.29 10.80 14.54
C LYS B 330 -20.26 10.32 15.58
N LEU B 331 -19.04 10.86 15.49
CA LEU B 331 -17.99 10.55 16.45
C LEU B 331 -18.31 11.14 17.83
N VAL B 332 -18.83 12.36 17.84
CA VAL B 332 -19.34 12.94 19.10
C VAL B 332 -20.45 12.07 19.70
N SER B 333 -21.38 11.60 18.86
CA SER B 333 -22.46 10.71 19.32
C SER B 333 -21.94 9.39 19.91
N GLU B 334 -20.89 8.82 19.31
CA GLU B 334 -20.24 7.61 19.84
C GLU B 334 -19.61 7.85 21.21
N TYR B 335 -19.07 9.05 21.41
CA TYR B 335 -18.54 9.46 22.70
C TYR B 335 -19.67 9.58 23.74
N MET B 336 -20.77 10.20 23.32
CA MET B 336 -21.94 10.44 24.19
C MET B 336 -22.61 9.13 24.61
N SER B 337 -22.54 8.13 23.74
CA SER B 337 -23.10 6.81 24.03
C SER B 337 -22.07 5.86 24.65
N LYS B 338 -20.88 6.39 24.93
CA LYS B 338 -19.77 5.64 25.53
C LYS B 338 -19.22 4.50 24.67
N LYS B 339 -19.36 4.61 23.35
CA LYS B 339 -18.75 3.65 22.43
C LYS B 339 -17.25 3.92 22.27
N ILE B 340 -16.88 5.20 22.34
CA ILE B 340 -15.47 5.59 22.31
C ILE B 340 -15.13 6.47 23.51
N LYS B 341 -13.84 6.60 23.80
CA LYS B 341 -13.35 7.41 24.92
C LYS B 341 -12.82 8.74 24.40
N VAL B 342 -13.01 9.79 25.18
CA VAL B 342 -12.40 11.09 24.89
C VAL B 342 -11.72 11.64 26.16
N ASP B 343 -12.46 11.62 27.27
CA ASP B 343 -11.96 12.13 28.56
C ASP B 343 -10.60 11.56 28.96
N GLU B 344 -10.38 10.28 28.67
CA GLU B 344 -9.15 9.57 29.05
C GLU B 344 -7.90 10.08 28.31
N PHE B 345 -8.10 10.88 27.26
CA PHE B 345 -6.99 11.48 26.53
C PHE B 345 -6.49 12.79 27.18
N VAL B 346 -7.32 13.40 28.02
CA VAL B 346 -6.95 14.66 28.68
C VAL B 346 -6.08 14.37 29.90
N THR B 347 -4.82 14.77 29.84
CA THR B 347 -3.91 14.55 30.95
C THR B 347 -3.62 15.83 31.73
N HIS B 348 -3.80 16.98 31.07
CA HIS B 348 -3.50 18.28 31.66
C HIS B 348 -4.55 19.33 31.25
N ASN B 349 -4.75 20.33 32.11
CA ASN B 349 -5.68 21.43 31.86
C ASN B 349 -5.03 22.77 32.19
N LEU B 350 -5.18 23.75 31.28
CA LEU B 350 -4.57 25.06 31.45
C LEU B 350 -5.53 26.18 31.04
N SER B 351 -5.22 27.40 31.50
CA SER B 351 -5.90 28.60 31.02
C SER B 351 -5.22 29.10 29.75
N PHE B 352 -5.95 29.91 28.98
CA PHE B 352 -5.45 30.54 27.75
C PHE B 352 -4.09 31.23 27.92
N ASP B 353 -3.91 32.00 29.00
CA ASP B 353 -2.63 32.70 29.20
CA ASP B 353 -2.65 32.70 29.29
C ASP B 353 -1.46 31.75 29.49
N GLU B 354 -1.77 30.49 29.82
CA GLU B 354 -0.74 29.47 30.02
C GLU B 354 -0.54 28.58 28.78
N ILE B 355 -1.03 29.01 27.62
CA ILE B 355 -0.96 28.17 26.40
C ILE B 355 0.46 27.67 26.09
N ASN B 356 1.47 28.50 26.31
CA ASN B 356 2.85 28.09 26.06
C ASN B 356 3.31 26.90 26.90
N LYS B 357 2.73 26.74 28.09
CA LYS B 357 3.01 25.58 28.93
C LYS B 357 2.54 24.26 28.29
N ALA B 358 1.46 24.33 27.51
CA ALA B 358 0.94 23.15 26.78
C ALA B 358 2.00 22.67 25.79
N PHE B 359 2.62 23.61 25.08
CA PHE B 359 3.75 23.31 24.20
C PHE B 359 4.92 22.71 24.98
N GLU B 360 5.20 23.25 26.16
CA GLU B 360 6.28 22.73 27.02
C GLU B 360 6.01 21.28 27.44
N LEU B 361 4.78 21.02 27.88
CA LEU B 361 4.36 19.68 28.28
C LEU B 361 4.42 18.69 27.12
N MET B 362 4.03 19.14 25.94
CA MET B 362 4.08 18.30 24.75
C MET B 362 5.51 17.88 24.45
N HIS B 363 6.43 18.84 24.44
CA HIS B 363 7.82 18.55 24.11
C HIS B 363 8.59 17.78 25.18
N SER B 364 8.11 17.83 26.42
CA SER B 364 8.73 17.11 27.52
C SER B 364 8.29 15.64 27.58
N GLY B 365 7.32 15.27 26.75
CA GLY B 365 6.82 13.90 26.71
C GLY B 365 5.85 13.56 27.83
N LYS B 366 5.55 14.54 28.68
CA LYS B 366 4.75 14.31 29.90
C LYS B 366 3.23 14.28 29.69
N SER B 367 2.77 14.80 28.55
CA SER B 367 1.33 14.87 28.30
C SER B 367 0.87 13.94 27.16
N ILE B 368 -0.42 13.65 27.14
CA ILE B 368 -1.06 13.09 25.95
C ILE B 368 -1.72 14.28 25.26
N ARG B 369 -2.74 14.85 25.90
CA ARG B 369 -3.34 16.11 25.47
C ARG B 369 -3.61 17.04 26.64
N THR B 370 -3.25 18.31 26.45
CA THR B 370 -3.53 19.39 27.38
C THR B 370 -4.67 20.22 26.79
N VAL B 371 -5.79 20.28 27.51
CA VAL B 371 -6.89 21.14 27.09
C VAL B 371 -6.75 22.54 27.67
N VAL B 372 -6.75 23.52 26.78
CA VAL B 372 -6.67 24.93 27.14
C VAL B 372 -8.09 25.51 27.15
N LYS B 373 -8.48 26.02 28.32
CA LYS B 373 -9.77 26.69 28.50
C LYS B 373 -9.59 28.14 28.09
N ILE B 374 -10.32 28.56 27.05
CA ILE B 374 -10.24 29.95 26.59
C ILE B 374 -10.77 30.90 27.66
ZN ZN C . 0.35 -24.34 1.62
ZN ZN D . 8.49 -16.18 -15.26
K K E . -10.28 -2.25 -5.72
PA NAD F . 9.90 -8.06 -20.68
O1A NAD F . 11.36 -7.82 -20.72
O2A NAD F . 9.45 -8.82 -21.86
O5B NAD F . 9.16 -6.64 -20.62
C5B NAD F . 9.69 -5.55 -19.90
C4B NAD F . 9.41 -4.28 -20.70
O4B NAD F . 9.76 -3.14 -19.94
C3B NAD F . 10.22 -4.21 -21.99
O3B NAD F . 9.31 -4.15 -23.07
C2B NAD F . 11.06 -2.93 -21.86
O2B NAD F . 11.22 -2.20 -23.06
C1B NAD F . 10.26 -2.16 -20.81
N9A NAD F . 11.06 -1.18 -20.06
C8A NAD F . 12.33 -1.31 -19.58
N7A NAD F . 12.67 -0.17 -18.94
C5A NAD F . 11.61 0.68 -18.99
C6A NAD F . 11.41 1.96 -18.49
N6A NAD F . 12.44 2.61 -17.91
N1A NAD F . 10.21 2.59 -18.70
C2A NAD F . 9.19 1.95 -19.40
N3A NAD F . 9.40 0.68 -19.90
C4A NAD F . 10.59 0.05 -19.69
O3 NAD F . 9.58 -8.79 -19.27
PN NAD F . 8.22 -9.54 -18.85
O1N NAD F . 8.28 -10.98 -19.15
O2N NAD F . 7.05 -8.74 -19.29
O5D NAD F . 8.34 -9.39 -17.24
C5D NAD F . 8.32 -8.12 -16.63
C4D NAD F . 8.74 -8.19 -15.15
O4D NAD F . 7.77 -8.92 -14.44
C3D NAD F . 10.08 -8.86 -14.90
O3D NAD F . 10.76 -8.10 -13.92
C2D NAD F . 9.70 -10.20 -14.32
O2D NAD F . 10.70 -10.72 -13.47
C1D NAD F . 8.42 -9.84 -13.57
N1N NAD F . 7.52 -10.96 -13.25
C2N NAD F . 6.99 -10.98 -11.98
C3N NAD F . 6.14 -12.02 -11.61
C7N NAD F . 5.48 -11.97 -10.26
O7N NAD F . 4.83 -13.13 -9.82
N7N NAD F . 5.52 -10.85 -9.54
C4N NAD F . 5.82 -13.03 -12.52
C5N NAD F . 6.36 -12.97 -13.80
C6N NAD F . 7.21 -11.94 -14.15
C1 022 G . 8.67 -15.46 -12.40
N2 022 G . 9.15 -14.51 -11.61
C3 022 G . 9.80 -13.53 -12.21
C4 022 G . 9.73 -13.89 -13.55
N5 022 G . 9.04 -15.07 -13.63
C11 022 G . 8.97 -14.54 -10.28
C13 022 G . 7.70 -14.67 -9.71
C14 022 G . 7.48 -14.69 -8.34
C15 022 G . 8.56 -14.60 -7.48
C16 022 G . 9.85 -14.47 -7.98
C17 022 G . 10.03 -14.45 -9.37
C24 022 G . 8.33 -14.62 -6.01
C26 022 G . 7.50 -13.75 -5.31
C27 022 G . 7.55 -14.12 -3.97
C28 022 G . 8.42 -15.20 -3.85
N29 022 G . 8.86 -15.45 -5.10
C35 022 G . 8.76 -15.92 -2.58
C37 022 G . 7.69 -16.96 -2.34
C38 022 G . 7.72 -17.46 -0.91
O41 022 G . 6.83 -18.26 -0.56
O43 022 G . 8.63 -17.06 -0.15
C45 022 G . 9.68 -16.48 -5.36
C47 022 G . 9.18 -17.70 -5.83
C48 022 G . 9.99 -18.79 -6.11
C49 022 G . 11.37 -18.70 -5.94
C50 022 G . 11.91 -17.50 -5.47
C51 022 G . 11.08 -16.40 -5.19
C58 022 G . 12.18 -19.94 -6.26
O59 022 G . 11.61 -21.01 -6.28
N62 022 G . 13.48 -19.83 -6.53
C64 022 G . 7.72 -17.89 -6.05
OH2 1PE H . 12.94 -39.26 -25.00
C12 1PE H . 13.48 -39.78 -23.79
C22 1PE H . 13.13 -41.25 -23.65
OH3 1PE H . 12.16 -41.41 -22.62
C13 1PE H . 10.42 -42.89 -21.88
C23 1PE H . 11.85 -42.79 -22.38
OH4 1PE H . 9.52 -42.92 -22.99
C14 1PE H . 7.77 -44.12 -24.19
C24 1PE H . 8.62 -44.02 -22.91
OH5 1PE H . 8.55 -43.84 -25.35
C15 1PE H . 8.40 -44.76 -27.58
C25 1PE H . 8.78 -45.02 -26.13
OH6 1PE H . 9.59 -44.76 -28.38
C16 1PE H . 10.80 -43.68 -30.17
C26 1PE H . 9.74 -43.52 -29.08
OH7 1PE H . 12.02 -43.05 -29.74
OH2 1PE I . -6.44 -30.27 1.85
C12 1PE I . -6.74 -30.38 0.46
C22 1PE I . -5.46 -30.14 -0.31
OH3 1PE I . -5.65 -28.99 -1.14
C13 1PE I . -5.05 -27.75 -3.10
C23 1PE I . -4.65 -28.88 -2.16
OH4 1PE I . -6.38 -27.98 -3.55
C14 1PE I . -8.15 -27.28 -5.05
C24 1PE I . -6.90 -26.86 -4.26
OH5 1PE I . -7.79 -28.30 -5.99
C15 1PE I . -8.99 -29.77 -7.50
C25 1PE I . -8.71 -28.33 -7.09
OH6 1PE I . -7.78 -30.40 -7.92
C16 1PE I . -6.84 -32.42 -8.85
C26 1PE I . -7.87 -31.83 -7.90
OH7 1PE I . -5.52 -32.13 -8.38
C1 N2P J . 16.53 -7.12 -13.44
C2 N2P J . 16.39 -7.83 -12.10
C3 N2P J . 16.06 -9.30 -12.32
C4 N2P J . 15.26 -9.91 -11.17
NE2 N2P J . 15.32 -6.38 -13.73
C5 N2P J . 14.34 -11.02 -11.68
N1 N2P J . 13.15 -10.43 -12.28
C TRS K . -7.33 -2.74 0.05
C1 TRS K . -6.30 -1.76 -0.50
C2 TRS K . -6.62 -3.83 0.86
C3 TRS K . -8.13 -3.36 -1.09
N TRS K . -8.26 -2.03 0.94
O1 TRS K . -6.92 -0.67 -1.14
O2 TRS K . -7.56 -4.69 1.50
O3 TRS K . -9.15 -2.46 -1.48
ZN ZN L . -15.18 18.88 -1.49
ZN ZN M . -3.26 17.65 14.69
K K N . -9.31 -5.06 5.95
PA NAD O . 3.14 12.30 20.38
O1A NAD O . 4.41 13.04 20.25
O2A NAD O . 2.38 12.64 21.60
O5B NAD O . 3.40 10.71 20.32
C5B NAD O . 4.50 10.18 19.63
C4B NAD O . 5.06 9.01 20.45
O4B NAD O . 6.04 8.35 19.68
C3B NAD O . 5.74 9.49 21.73
O3B NAD O . 5.13 8.87 22.83
C2B NAD O . 7.18 9.04 21.60
O2B NAD O . 7.68 8.55 22.83
C1B NAD O . 7.07 7.93 20.55
N9A NAD O . 8.29 7.66 19.78
C8A NAD O . 9.20 8.57 19.29
N7A NAD O . 10.16 7.89 18.63
C5A NAD O . 9.86 6.57 18.68
C6A NAD O . 10.52 5.44 18.18
N6A NAD O . 11.69 5.56 17.56
N1A NAD O . 9.96 4.19 18.39
C2A NAD O . 8.78 4.05 19.12
N3A NAD O . 8.15 5.18 19.61
C4A NAD O . 8.69 6.41 19.40
O3 NAD O . 2.33 12.65 19.03
PN NAD O . 0.79 12.35 18.65
O1N NAD O . -0.07 13.52 18.97
O2N NAD O . 0.38 11.02 19.12
O5D NAD O . 0.95 12.32 17.05
C5D NAD O . 1.79 11.36 16.44
C4D NAD O . 1.99 11.63 14.95
O4D NAD O . 0.74 11.58 14.28
C3D NAD O . 2.57 13.02 14.69
O3D NAD O . 3.52 12.95 13.65
C2D NAD O . 1.37 13.82 14.20
O2D NAD O . 1.73 14.91 13.39
C1D NAD O . 0.64 12.73 13.44
N1N NAD O . -0.76 13.02 13.11
C2N NAD O . -1.18 12.71 11.85
C3N NAD O . -2.49 12.96 11.47
C7N NAD O . -2.97 12.47 10.13
O7N NAD O . -4.17 13.01 9.67
N7N NAD O . -2.28 11.56 9.42
C4N NAD O . -3.38 13.53 12.38
C5N NAD O . -2.95 13.84 13.67
C6N NAD O . -1.63 13.58 14.02
C1 022 P . -2.73 17.20 11.77
N2 022 P . -1.81 16.75 10.93
C3 022 P . -0.68 16.35 11.50
C4 022 P . -0.90 16.56 12.85
N5 022 P . -2.16 17.08 13.00
C11 022 P . -2.03 16.72 9.61
C13 022 P . -3.04 15.91 9.08
C14 022 P . -3.32 15.85 7.71
C15 022 P . -2.56 16.60 6.83
C16 022 P . -1.53 17.41 7.32
C17 022 P . -1.29 17.46 8.69
C24 022 P . -2.86 16.53 5.38
C26 022 P . -3.03 15.40 4.59
C27 022 P . -3.32 15.84 3.31
C28 022 P . -3.31 17.23 3.32
N29 022 P . -3.01 17.58 4.57
C35 022 P . -3.57 18.18 2.17
C37 022 P . -3.12 17.63 0.83
C38 022 P . -4.19 17.98 -0.18
O41 022 P . -3.82 18.20 -1.35
O43 022 P . -5.38 18.03 0.18
C45 022 P . -3.00 18.89 4.89
C47 022 P . -4.10 19.52 5.49
C48 022 P . -4.12 20.86 5.81
C49 022 P . -3.01 21.65 5.53
C50 022 P . -1.90 21.07 4.91
C51 022 P . -1.90 19.70 4.61
C58 022 P . -3.09 23.11 5.88
O59 022 P . -4.20 23.64 5.80
N62 022 P . -2.02 23.78 6.26
C64 022 P . -5.32 18.73 5.83
OH2 1PE Q . -23.93 19.35 6.01
C12 1PE Q . -24.79 18.62 6.92
C22 1PE Q . -24.20 17.24 7.20
OH3 1PE Q . -24.30 16.44 6.03
C13 1PE Q . -22.72 16.18 4.20
C23 1PE Q . -23.05 15.86 5.66
OH4 1PE Q . -22.41 17.57 4.10
C14 1PE Q . -21.83 19.12 2.39
C24 1PE Q . -21.43 17.84 3.11
OH5 1PE Q . -22.91 18.83 1.52
C15 1PE Q . -23.72 19.39 -0.67
C25 1PE Q . -23.25 19.93 0.68
OH6 1PE Q . -24.49 18.21 -0.47
C16 1PE Q . -26.14 16.68 -1.31
C26 1PE Q . -25.13 17.77 -1.65
OH7 1PE Q . -25.56 15.40 -1.65
C1 N2P R . 4.27 17.22 11.36
C2 N2P R . 5.71 17.14 10.89
C3 N2P R . 6.64 17.28 12.09
C4 N2P R . 8.06 16.79 11.83
NE2 N2P R . 3.86 15.96 11.97
C5 N2P R . 8.62 16.11 13.07
N1 N2P R . 8.24 14.71 13.04
C1 N2P S . 19.63 -4.04 25.20
C2 N2P S . 20.09 -5.48 25.07
C3 N2P S . 20.78 -5.97 26.35
C4 N2P S . 22.20 -6.48 26.06
NE2 N2P S . 20.17 -3.26 24.10
C5 N2P S . 23.13 -6.16 27.22
N1 N2P S . 24.43 -5.76 26.71
#